data_5K7V
#
_entry.id   5K7V
#
_cell.length_a   159.005
_cell.length_b   159.005
_cell.length_c   94.982
_cell.angle_alpha   90.00
_cell.angle_beta   90.00
_cell.angle_gamma   120.00
#
_symmetry.space_group_name_H-M   'P 3 2 1'
#
loop_
_entity.id
_entity.type
_entity.pdbx_description
1 polymer 'Designed protein HR00C3'
2 water water
#
_entity_poly.entity_id   1
_entity_poly.type   'polypeptide(L)'
_entity_poly.pdbx_seq_one_letter_code
;MIEEVVAEMIDILAESSKKSIEELARAADNKTTEKAVAEAIEEIARLATAAIQLIEALAKNLASEEFMARAISAIAELAK
KAIEAIYRLADNHTTDTFMARAIAAIANLAVTAILAIAALASNHTTEEFMARAISAIAELAKKAIEAIYRLADNHTTDKF
MAAAIEAIALLATLAILAIALLASNHTTEEFMAKAISAIAELAKKAIEAIYRLADNHTSPTYIEKAIEAIEKIARKAIKA
IEMLAKNITTEEYKEKAKSAIDEIREKAKEAIKRLEDNRTLEHHHHHH
;
_entity_poly.pdbx_strand_id   A,B,C
#
# COMPACT_ATOMS: atom_id res chain seq x y z
N ILE A 2 23.76 -7.45 -9.03
CA ILE A 2 23.81 -8.84 -8.49
C ILE A 2 22.60 -9.09 -7.58
N GLU A 3 21.76 -10.03 -7.98
CA GLU A 3 20.55 -10.35 -7.24
C GLU A 3 20.87 -10.88 -5.84
N GLU A 4 22.03 -11.51 -5.69
CA GLU A 4 22.49 -11.99 -4.41
C GLU A 4 22.44 -10.86 -3.38
N VAL A 5 22.88 -9.69 -3.82
CA VAL A 5 22.87 -8.50 -2.98
C VAL A 5 21.43 -8.03 -2.78
N VAL A 6 20.60 -8.15 -3.81
CA VAL A 6 19.20 -7.77 -3.73
C VAL A 6 18.44 -8.73 -2.82
N ALA A 7 18.77 -10.01 -2.90
CA ALA A 7 18.16 -11.01 -2.03
C ALA A 7 18.57 -10.72 -0.60
N GLU A 8 19.78 -10.20 -0.43
CA GLU A 8 20.26 -9.80 0.89
C GLU A 8 19.43 -8.64 1.40
N MET A 9 19.06 -7.73 0.51
CA MET A 9 18.19 -6.61 0.89
C MET A 9 16.85 -7.16 1.37
N ILE A 10 16.36 -8.17 0.67
CA ILE A 10 15.11 -8.82 1.02
C ILE A 10 15.20 -9.49 2.40
N ASP A 11 16.30 -10.20 2.64
CA ASP A 11 16.51 -10.87 3.92
C ASP A 11 16.54 -9.89 5.08
N ILE A 12 17.23 -8.77 4.87
CA ILE A 12 17.33 -7.71 5.88
C ILE A 12 15.94 -7.22 6.26
N LEU A 13 15.12 -6.99 5.25
CA LEU A 13 13.74 -6.55 5.47
C LEU A 13 12.96 -7.61 6.24
N ALA A 14 13.15 -8.87 5.86
CA ALA A 14 12.44 -9.98 6.46
C ALA A 14 12.79 -10.16 7.94
N GLU A 15 14.08 -10.22 8.24
CA GLU A 15 14.52 -10.46 9.61
C GLU A 15 14.09 -9.34 10.55
N SER A 16 14.21 -8.11 10.11
CA SER A 16 13.79 -6.96 10.90
C SER A 16 12.30 -6.98 11.15
N SER A 17 11.54 -7.26 10.10
CA SER A 17 10.10 -7.34 10.19
C SER A 17 9.73 -8.38 11.23
N LYS A 18 10.34 -9.56 11.13
CA LYS A 18 10.09 -10.63 12.09
C LYS A 18 10.49 -10.22 13.51
N LYS A 19 11.64 -9.57 13.63
CA LYS A 19 12.14 -9.14 14.92
C LYS A 19 11.18 -8.11 15.54
N SER A 20 10.78 -7.14 14.74
CA SER A 20 9.88 -6.09 15.20
C SER A 20 8.56 -6.72 15.62
N ILE A 21 8.08 -7.67 14.82
CA ILE A 21 6.81 -8.34 15.10
C ILE A 21 6.88 -9.00 16.47
N GLU A 22 7.97 -9.71 16.75
CA GLU A 22 8.12 -10.43 18.01
C GLU A 22 8.13 -9.49 19.21
N GLU A 23 8.95 -8.44 19.15
CA GLU A 23 9.06 -7.51 20.27
C GLU A 23 7.71 -6.84 20.55
N LEU A 24 7.04 -6.41 19.49
CA LEU A 24 5.73 -5.79 19.61
C LEU A 24 4.74 -6.76 20.24
N ALA A 25 4.82 -8.02 19.81
CA ALA A 25 4.01 -9.07 20.41
C ALA A 25 4.36 -9.21 21.89
N ARG A 26 5.66 -9.22 22.19
CA ARG A 26 6.10 -9.38 23.58
C ARG A 26 5.64 -8.20 24.42
N ALA A 27 5.63 -7.01 23.82
CA ALA A 27 5.17 -5.81 24.51
C ALA A 27 3.68 -5.93 24.83
N ALA A 28 2.91 -6.47 23.89
CA ALA A 28 1.46 -6.58 24.03
C ALA A 28 1.06 -7.44 25.21
N ASP A 29 1.88 -8.44 25.53
CA ASP A 29 1.60 -9.37 26.61
C ASP A 29 1.63 -8.66 27.97
N ASN A 30 2.28 -7.49 27.99
CA ASN A 30 2.46 -6.72 29.22
C ASN A 30 1.46 -5.58 29.34
N LYS A 31 0.55 -5.46 28.36
CA LYS A 31 -0.46 -4.41 28.36
C LYS A 31 -1.81 -4.89 28.88
N THR A 32 -2.58 -3.94 29.42
CA THR A 32 -3.83 -4.20 30.10
C THR A 32 -5.06 -3.92 29.25
N THR A 33 -5.24 -2.67 28.84
CA THR A 33 -6.43 -2.26 28.10
C THR A 33 -6.42 -2.77 26.64
N GLU A 34 -7.49 -3.49 26.32
CA GLU A 34 -7.67 -4.20 25.05
C GLU A 34 -7.53 -3.40 23.75
N LYS A 35 -7.92 -2.12 23.76
CA LYS A 35 -7.80 -1.30 22.55
C LYS A 35 -6.35 -1.26 22.11
N ALA A 36 -5.44 -1.17 23.08
CA ALA A 36 -4.01 -1.13 22.81
C ALA A 36 -3.50 -2.49 22.34
N VAL A 37 -4.13 -3.57 22.81
CA VAL A 37 -3.77 -4.92 22.38
C VAL A 37 -4.12 -5.10 20.91
N ALA A 38 -5.26 -4.55 20.51
CA ALA A 38 -5.67 -4.58 19.12
C ALA A 38 -4.67 -3.79 18.27
N GLU A 39 -4.19 -2.68 18.82
CA GLU A 39 -3.20 -1.85 18.14
C GLU A 39 -1.92 -2.62 17.87
N ALA A 40 -1.52 -3.45 18.83
CA ALA A 40 -0.34 -4.28 18.66
C ALA A 40 -0.54 -5.22 17.49
N ILE A 41 -1.75 -5.80 17.41
CA ILE A 41 -2.11 -6.65 16.28
C ILE A 41 -2.09 -5.84 14.99
N GLU A 42 -2.65 -4.64 15.02
CA GLU A 42 -2.65 -3.74 13.87
C GLU A 42 -1.24 -3.42 13.39
N GLU A 43 -0.35 -3.11 14.33
CA GLU A 43 1.04 -2.82 13.99
C GLU A 43 1.69 -4.01 13.30
N ILE A 44 1.46 -5.21 13.86
CA ILE A 44 1.96 -6.44 13.27
C ILE A 44 1.41 -6.63 11.87
N ALA A 45 0.10 -6.40 11.71
CA ALA A 45 -0.57 -6.58 10.43
C ALA A 45 -0.02 -5.63 9.36
N ARG A 46 0.14 -4.36 9.72
CA ARG A 46 0.61 -3.36 8.78
C ARG A 46 2.07 -3.60 8.39
N LEU A 47 2.90 -3.98 9.36
CA LEU A 47 4.31 -4.27 9.11
C LEU A 47 4.47 -5.42 8.13
N ALA A 48 3.73 -6.50 8.37
CA ALA A 48 3.79 -7.68 7.52
C ALA A 48 3.32 -7.32 6.11
N THR A 49 2.23 -6.57 6.03
CA THR A 49 1.68 -6.16 4.74
C THR A 49 2.69 -5.30 3.98
N ALA A 50 3.29 -4.35 4.68
CA ALA A 50 4.28 -3.47 4.07
C ALA A 50 5.47 -4.25 3.53
N ALA A 51 6.02 -5.12 4.38
CA ALA A 51 7.19 -5.92 4.03
C ALA A 51 6.91 -6.81 2.83
N ILE A 52 5.74 -7.45 2.84
CA ILE A 52 5.34 -8.32 1.73
C ILE A 52 5.28 -7.54 0.43
N GLN A 53 4.72 -6.33 0.49
CA GLN A 53 4.63 -5.46 -0.67
C GLN A 53 6.01 -5.04 -1.18
N LEU A 54 6.90 -4.72 -0.25
CA LEU A 54 8.27 -4.34 -0.61
C LEU A 54 9.03 -5.50 -1.24
N ILE A 55 8.96 -6.67 -0.61
CA ILE A 55 9.70 -7.84 -1.07
C ILE A 55 9.22 -8.26 -2.47
N GLU A 56 7.90 -8.24 -2.65
CA GLU A 56 7.32 -8.60 -3.94
C GLU A 56 7.84 -7.70 -5.04
N ALA A 57 7.78 -6.39 -4.80
CA ALA A 57 8.22 -5.41 -5.79
C ALA A 57 9.70 -5.60 -6.10
N LEU A 58 10.48 -5.92 -5.07
CA LEU A 58 11.90 -6.21 -5.24
C LEU A 58 12.08 -7.54 -5.95
N ALA A 59 11.24 -8.52 -5.63
CA ALA A 59 11.37 -9.86 -6.16
C ALA A 59 11.16 -9.91 -7.67
N LYS A 60 10.36 -8.99 -8.20
CA LYS A 60 10.12 -8.92 -9.64
C LYS A 60 11.41 -8.60 -10.39
N ASN A 61 12.41 -8.08 -9.68
CA ASN A 61 13.68 -7.72 -10.28
C ASN A 61 14.66 -8.89 -10.24
N LEU A 62 14.15 -10.06 -9.88
CA LEU A 62 14.96 -11.27 -9.84
C LEU A 62 14.75 -12.07 -11.11
N ALA A 63 15.84 -12.56 -11.69
CA ALA A 63 15.79 -13.40 -12.88
C ALA A 63 16.03 -14.85 -12.50
N SER A 64 16.78 -15.03 -11.42
CA SER A 64 17.15 -16.36 -10.92
C SER A 64 16.07 -16.97 -10.05
N GLU A 65 15.65 -18.18 -10.39
CA GLU A 65 14.61 -18.88 -9.63
C GLU A 65 15.10 -19.13 -8.22
N GLU A 66 16.40 -19.35 -8.11
CA GLU A 66 17.03 -19.61 -6.82
C GLU A 66 16.76 -18.45 -5.88
N PHE A 67 16.94 -17.24 -6.37
CA PHE A 67 16.67 -16.04 -5.59
C PHE A 67 15.17 -15.75 -5.45
N MET A 68 14.39 -16.09 -6.46
CA MET A 68 12.95 -15.92 -6.39
C MET A 68 12.37 -16.83 -5.31
N ALA A 69 12.92 -18.04 -5.21
CA ALA A 69 12.50 -18.98 -4.18
C ALA A 69 12.85 -18.46 -2.79
N ARG A 70 13.98 -17.76 -2.68
CA ARG A 70 14.39 -17.14 -1.43
C ARG A 70 13.40 -16.06 -1.00
N ALA A 71 12.95 -15.26 -1.96
CA ALA A 71 12.00 -14.19 -1.67
C ALA A 71 10.67 -14.77 -1.22
N ILE A 72 10.20 -15.78 -1.94
CA ILE A 72 8.97 -16.49 -1.58
C ILE A 72 9.10 -17.18 -0.23
N SER A 73 10.24 -17.82 0.00
CA SER A 73 10.49 -18.51 1.26
C SER A 73 10.41 -17.51 2.41
N ALA A 74 11.06 -16.37 2.24
CA ALA A 74 11.05 -15.31 3.24
C ALA A 74 9.63 -14.79 3.50
N ILE A 75 8.89 -14.53 2.43
CA ILE A 75 7.55 -13.99 2.50
C ILE A 75 6.57 -14.91 3.24
N ALA A 76 6.66 -16.20 3.01
CA ALA A 76 5.75 -17.16 3.65
C ALA A 76 5.94 -17.20 5.16
N GLU A 77 7.19 -17.23 5.60
CA GLU A 77 7.50 -17.28 7.03
C GLU A 77 7.02 -16.00 7.72
N LEU A 78 7.14 -14.87 7.05
CA LEU A 78 6.66 -13.60 7.58
C LEU A 78 5.18 -13.73 7.91
N ALA A 79 4.43 -14.27 6.96
CA ALA A 79 3.00 -14.44 7.12
C ALA A 79 2.70 -15.38 8.28
N LYS A 80 3.34 -16.55 8.29
CA LYS A 80 3.09 -17.54 9.33
C LYS A 80 3.45 -17.01 10.71
N LYS A 81 4.58 -16.33 10.80
CA LYS A 81 5.03 -15.76 12.07
C LYS A 81 4.03 -14.72 12.57
N ALA A 82 3.59 -13.86 11.67
CA ALA A 82 2.62 -12.82 12.00
C ALA A 82 1.30 -13.43 12.44
N ILE A 83 0.84 -14.45 11.70
CA ILE A 83 -0.41 -15.11 11.99
C ILE A 83 -0.38 -15.69 13.41
N GLU A 84 0.71 -16.39 13.74
CA GLU A 84 0.87 -16.93 15.09
C GLU A 84 0.90 -15.85 16.16
N ALA A 85 1.66 -14.80 15.91
CA ALA A 85 1.76 -13.71 16.86
C ALA A 85 0.39 -13.10 17.11
N ILE A 86 -0.35 -12.85 16.04
CA ILE A 86 -1.68 -12.27 16.13
C ILE A 86 -2.62 -13.21 16.88
N TYR A 87 -2.53 -14.50 16.56
CA TYR A 87 -3.38 -15.51 17.18
C TYR A 87 -3.25 -15.60 18.70
N ARG A 88 -2.01 -15.71 19.19
CA ARG A 88 -1.80 -15.81 20.63
C ARG A 88 -2.20 -14.51 21.34
N LEU A 89 -1.99 -13.38 20.69
CA LEU A 89 -2.46 -12.10 21.23
C LEU A 89 -3.99 -12.10 21.22
N ALA A 90 -4.56 -12.68 20.16
CA ALA A 90 -6.02 -12.72 20.00
C ALA A 90 -6.69 -13.53 21.11
N ASP A 91 -5.97 -14.49 21.68
CA ASP A 91 -6.52 -15.30 22.77
C ASP A 91 -6.84 -14.47 24.01
N ASN A 92 -6.28 -13.26 24.06
CA ASN A 92 -6.44 -12.39 25.23
C ASN A 92 -7.56 -11.35 25.08
N HIS A 93 -8.33 -11.44 23.99
CA HIS A 93 -9.44 -10.52 23.78
C HIS A 93 -10.73 -11.04 24.38
N THR A 94 -11.54 -10.13 24.91
CA THR A 94 -12.85 -10.45 25.49
C THR A 94 -14.00 -9.94 24.63
N THR A 95 -13.71 -8.96 23.78
CA THR A 95 -14.71 -8.37 22.91
C THR A 95 -14.69 -9.00 21.52
N ASP A 96 -15.82 -9.56 21.09
CA ASP A 96 -15.89 -10.24 19.81
C ASP A 96 -15.49 -9.33 18.66
N THR A 97 -15.77 -8.04 18.79
CA THR A 97 -15.42 -7.08 17.75
C THR A 97 -13.91 -7.08 17.51
N PHE A 98 -13.14 -7.07 18.60
CA PHE A 98 -11.69 -7.06 18.50
C PHE A 98 -11.16 -8.42 18.03
N MET A 99 -11.85 -9.48 18.43
CA MET A 99 -11.49 -10.82 17.98
C MET A 99 -11.79 -10.97 16.50
N ALA A 100 -12.86 -10.33 16.06
CA ALA A 100 -13.22 -10.30 14.65
C ALA A 100 -12.16 -9.56 13.84
N ARG A 101 -11.64 -8.48 14.40
CA ARG A 101 -10.59 -7.70 13.75
C ARG A 101 -9.30 -8.50 13.62
N ALA A 102 -8.97 -9.26 14.66
CA ALA A 102 -7.78 -10.11 14.62
C ALA A 102 -7.96 -11.14 13.50
N ILE A 103 -9.16 -11.70 13.43
CA ILE A 103 -9.50 -12.63 12.36
C ILE A 103 -9.41 -11.95 11.00
N ALA A 104 -9.92 -10.72 10.92
CA ALA A 104 -9.85 -9.94 9.69
C ALA A 104 -8.40 -9.76 9.25
N ALA A 105 -7.55 -9.41 10.21
CA ALA A 105 -6.13 -9.17 9.95
C ALA A 105 -5.45 -10.42 9.40
N ILE A 106 -5.73 -11.57 10.01
CA ILE A 106 -5.14 -12.83 9.59
C ILE A 106 -5.51 -13.13 8.15
N ALA A 107 -6.79 -12.96 7.83
CA ALA A 107 -7.27 -13.24 6.48
C ALA A 107 -6.60 -12.34 5.45
N ASN A 108 -6.56 -11.05 5.74
CA ASN A 108 -5.99 -10.08 4.81
C ASN A 108 -4.50 -10.31 4.60
N LEU A 109 -3.79 -10.70 5.65
CA LEU A 109 -2.37 -11.04 5.52
C LEU A 109 -2.22 -12.24 4.61
N ALA A 110 -3.04 -13.25 4.85
CA ALA A 110 -2.99 -14.49 4.07
C ALA A 110 -3.29 -14.21 2.60
N VAL A 111 -4.33 -13.42 2.34
CA VAL A 111 -4.69 -13.08 0.97
C VAL A 111 -3.55 -12.32 0.31
N THR A 112 -3.00 -11.34 1.03
CA THR A 112 -1.90 -10.54 0.51
C THR A 112 -0.70 -11.43 0.18
N ALA A 113 -0.34 -12.31 1.13
CA ALA A 113 0.81 -13.18 0.97
C ALA A 113 0.61 -14.17 -0.18
N ILE A 114 -0.57 -14.78 -0.23
CA ILE A 114 -0.87 -15.78 -1.24
C ILE A 114 -0.78 -15.17 -2.63
N LEU A 115 -1.45 -14.03 -2.81
CA LEU A 115 -1.48 -13.35 -4.08
C LEU A 115 -0.07 -12.91 -4.48
N ALA A 116 0.71 -12.46 -3.50
CA ALA A 116 2.08 -12.06 -3.72
C ALA A 116 2.90 -13.25 -4.22
N ILE A 117 2.78 -14.38 -3.54
CA ILE A 117 3.50 -15.60 -3.91
C ILE A 117 3.06 -16.08 -5.29
N ALA A 118 1.76 -16.04 -5.54
CA ALA A 118 1.21 -16.45 -6.83
C ALA A 118 1.79 -15.62 -7.96
N ALA A 119 1.83 -14.31 -7.75
CA ALA A 119 2.34 -13.39 -8.76
C ALA A 119 3.82 -13.63 -9.03
N LEU A 120 4.57 -13.93 -7.98
CA LEU A 120 5.99 -14.26 -8.13
C LEU A 120 6.18 -15.61 -8.77
N ALA A 121 5.38 -16.58 -8.33
CA ALA A 121 5.49 -17.96 -8.79
C ALA A 121 5.19 -18.09 -10.29
N SER A 122 4.40 -17.17 -10.82
CA SER A 122 4.04 -17.19 -12.24
C SER A 122 5.27 -17.08 -13.14
N ASN A 123 6.38 -16.61 -12.58
CA ASN A 123 7.60 -16.38 -13.34
C ASN A 123 8.61 -17.52 -13.20
N HIS A 124 8.19 -18.64 -12.62
CA HIS A 124 9.08 -19.79 -12.46
C HIS A 124 8.96 -20.78 -13.61
N THR A 125 10.12 -21.25 -14.09
CA THR A 125 10.18 -22.25 -15.15
C THR A 125 10.41 -23.63 -14.58
N THR A 126 11.06 -23.70 -13.41
CA THR A 126 11.30 -24.98 -12.75
C THR A 126 10.08 -25.39 -11.94
N GLU A 127 9.60 -26.60 -12.19
CA GLU A 127 8.40 -27.10 -11.54
C GLU A 127 8.62 -27.35 -10.06
N GLU A 128 9.84 -27.71 -9.70
CA GLU A 128 10.19 -27.95 -8.30
C GLU A 128 9.87 -26.72 -7.48
N PHE A 129 10.34 -25.56 -7.94
CA PHE A 129 10.14 -24.31 -7.23
C PHE A 129 8.67 -23.90 -7.24
N MET A 130 7.97 -24.22 -8.31
CA MET A 130 6.54 -23.93 -8.40
C MET A 130 5.76 -24.80 -7.41
N ALA A 131 6.21 -26.04 -7.23
CA ALA A 131 5.58 -26.94 -6.27
C ALA A 131 5.77 -26.41 -4.85
N ARG A 132 6.93 -25.83 -4.59
CA ARG A 132 7.22 -25.22 -3.30
C ARG A 132 6.35 -23.99 -3.06
N ALA A 133 6.15 -23.19 -4.10
CA ALA A 133 5.30 -22.00 -4.01
C ALA A 133 3.85 -22.41 -3.78
N ILE A 134 3.41 -23.45 -4.51
CA ILE A 134 2.08 -23.99 -4.34
C ILE A 134 1.93 -24.54 -2.93
N SER A 135 2.94 -25.26 -2.48
CA SER A 135 2.96 -25.82 -1.13
C SER A 135 2.87 -24.72 -0.09
N ALA A 136 3.63 -23.64 -0.29
CA ALA A 136 3.63 -22.51 0.62
C ALA A 136 2.23 -21.93 0.75
N ILE A 137 1.58 -21.71 -0.38
CA ILE A 137 0.24 -21.15 -0.41
C ILE A 137 -0.74 -22.04 0.36
N ALA A 138 -0.66 -23.34 0.11
CA ALA A 138 -1.55 -24.30 0.77
C ALA A 138 -1.34 -24.25 2.27
N GLU A 139 -0.08 -24.22 2.69
CA GLU A 139 0.26 -24.19 4.11
C GLU A 139 -0.21 -22.89 4.76
N LEU A 140 -0.07 -21.79 4.05
CA LEU A 140 -0.53 -20.49 4.53
C LEU A 140 -2.04 -20.47 4.71
N ALA A 141 -2.76 -20.98 3.71
CA ALA A 141 -4.21 -21.01 3.75
C ALA A 141 -4.71 -21.84 4.93
N LYS A 142 -4.16 -23.04 5.08
CA LYS A 142 -4.56 -23.93 6.16
C LYS A 142 -4.28 -23.31 7.53
N LYS A 143 -3.10 -22.71 7.65
CA LYS A 143 -2.69 -22.06 8.89
C LYS A 143 -3.63 -20.93 9.27
N ALA A 144 -3.90 -20.06 8.31
CA ALA A 144 -4.77 -18.91 8.55
C ALA A 144 -6.19 -19.38 8.88
N ILE A 145 -6.67 -20.37 8.13
CA ILE A 145 -8.02 -20.91 8.35
C ILE A 145 -8.14 -21.51 9.75
N GLU A 146 -7.15 -22.29 10.16
CA GLU A 146 -7.14 -22.89 11.49
C GLU A 146 -7.14 -21.85 12.60
N ALA A 147 -6.31 -20.82 12.45
CA ALA A 147 -6.24 -19.75 13.44
C ALA A 147 -7.61 -19.10 13.61
N ILE A 148 -8.26 -18.84 12.49
CA ILE A 148 -9.60 -18.24 12.50
C ILE A 148 -10.63 -19.15 13.17
N TYR A 149 -10.57 -20.44 12.88
CA TYR A 149 -11.48 -21.40 13.50
C TYR A 149 -11.40 -21.39 15.02
N ARG A 150 -10.17 -21.47 15.54
CA ARG A 150 -9.94 -21.51 16.97
C ARG A 150 -10.43 -20.23 17.64
N LEU A 151 -10.25 -19.10 16.96
CA LEU A 151 -10.73 -17.83 17.46
C LEU A 151 -12.26 -17.76 17.39
N ALA A 152 -12.82 -18.36 16.34
CA ALA A 152 -14.27 -18.32 16.11
C ALA A 152 -15.07 -18.99 17.22
N ASP A 153 -14.50 -20.01 17.85
CA ASP A 153 -15.20 -20.76 18.90
C ASP A 153 -15.51 -19.90 20.11
N ASN A 154 -14.85 -18.75 20.19
CA ASN A 154 -14.95 -17.86 21.35
C ASN A 154 -15.94 -16.73 21.14
N HIS A 155 -16.66 -16.75 20.02
CA HIS A 155 -17.65 -15.72 19.75
C HIS A 155 -19.00 -16.16 20.28
N THR A 156 -19.85 -15.18 20.59
CA THR A 156 -21.19 -15.44 21.11
C THR A 156 -22.24 -15.06 20.08
N THR A 157 -21.86 -14.18 19.16
CA THR A 157 -22.76 -13.64 18.15
C THR A 157 -22.65 -14.41 16.84
N ASP A 158 -23.76 -14.95 16.37
CA ASP A 158 -23.78 -15.72 15.12
C ASP A 158 -23.27 -14.87 13.97
N LYS A 159 -23.60 -13.58 14.03
CA LYS A 159 -23.19 -12.62 13.02
C LYS A 159 -21.67 -12.55 12.90
N PHE A 160 -20.99 -12.60 14.05
CA PHE A 160 -19.54 -12.60 14.08
C PHE A 160 -18.96 -13.95 13.67
N MET A 161 -19.66 -15.02 14.01
CA MET A 161 -19.26 -16.36 13.60
C MET A 161 -19.47 -16.52 12.09
N ALA A 162 -20.56 -15.95 11.60
CA ALA A 162 -20.85 -15.95 10.17
C ALA A 162 -19.79 -15.14 9.42
N ALA A 163 -19.36 -14.04 10.02
CA ALA A 163 -18.31 -13.21 9.45
C ALA A 163 -17.00 -13.98 9.35
N ALA A 164 -16.73 -14.80 10.36
CA ALA A 164 -15.55 -15.66 10.34
C ALA A 164 -15.66 -16.67 9.22
N ILE A 165 -16.85 -17.23 9.05
CA ILE A 165 -17.13 -18.19 7.99
C ILE A 165 -16.86 -17.57 6.63
N GLU A 166 -17.30 -16.34 6.45
CA GLU A 166 -17.07 -15.62 5.20
C GLU A 166 -15.58 -15.54 4.89
N ALA A 167 -14.79 -15.11 5.86
CA ALA A 167 -13.34 -14.96 5.69
C ALA A 167 -12.68 -16.27 5.30
N ILE A 168 -13.06 -17.36 5.96
CA ILE A 168 -12.52 -18.67 5.66
C ILE A 168 -12.80 -19.07 4.22
N ALA A 169 -14.00 -18.78 3.74
CA ALA A 169 -14.41 -19.16 2.39
C ALA A 169 -13.47 -18.54 1.35
N LEU A 170 -13.16 -17.26 1.51
CA LEU A 170 -12.28 -16.57 0.58
C LEU A 170 -10.86 -17.13 0.61
N LEU A 171 -10.39 -17.44 1.80
CA LEU A 171 -9.06 -18.02 1.96
C LEU A 171 -9.00 -19.32 1.18
N ALA A 172 -10.05 -20.12 1.33
CA ALA A 172 -10.15 -21.38 0.60
C ALA A 172 -10.23 -21.16 -0.90
N THR A 173 -11.12 -20.26 -1.32
CA THR A 173 -11.34 -20.03 -2.75
C THR A 173 -10.09 -19.49 -3.44
N LEU A 174 -9.55 -18.39 -2.90
CA LEU A 174 -8.40 -17.74 -3.50
C LEU A 174 -7.18 -18.65 -3.52
N ALA A 175 -6.96 -19.37 -2.42
CA ALA A 175 -5.84 -20.30 -2.34
C ALA A 175 -5.96 -21.35 -3.43
N ILE A 176 -7.17 -21.88 -3.62
CA ILE A 176 -7.42 -22.86 -4.68
C ILE A 176 -7.15 -22.25 -6.05
N LEU A 177 -7.66 -21.04 -6.26
CA LEU A 177 -7.49 -20.36 -7.54
C LEU A 177 -6.02 -20.04 -7.79
N ALA A 178 -5.33 -19.58 -6.75
CA ALA A 178 -3.90 -19.30 -6.84
C ALA A 178 -3.14 -20.56 -7.23
N ILE A 179 -3.47 -21.67 -6.58
CA ILE A 179 -2.85 -22.96 -6.87
C ILE A 179 -3.15 -23.39 -8.31
N ALA A 180 -4.39 -23.18 -8.73
CA ALA A 180 -4.84 -23.58 -10.06
C ALA A 180 -4.01 -22.92 -11.17
N LEU A 181 -3.80 -21.61 -11.05
CA LEU A 181 -3.05 -20.86 -12.06
C LEU A 181 -1.62 -21.39 -12.19
N LEU A 182 -1.00 -21.68 -11.07
CA LEU A 182 0.37 -22.20 -11.06
C LEU A 182 0.43 -23.66 -11.49
N ALA A 183 -0.54 -24.44 -11.01
CA ALA A 183 -0.59 -25.87 -11.34
C ALA A 183 -0.81 -26.08 -12.82
N SER A 184 -1.50 -25.14 -13.46
CA SER A 184 -1.76 -25.21 -14.89
C SER A 184 -0.47 -25.16 -15.69
N ASN A 185 0.59 -24.67 -15.05
CA ASN A 185 1.87 -24.45 -15.71
C ASN A 185 2.88 -25.58 -15.49
N HIS A 186 2.42 -26.72 -14.99
CA HIS A 186 3.30 -27.87 -14.79
C HIS A 186 3.26 -28.84 -15.96
N THR A 187 4.45 -29.31 -16.34
CA THR A 187 4.60 -30.30 -17.39
C THR A 187 4.82 -31.67 -16.76
N THR A 188 5.33 -31.66 -15.52
CA THR A 188 5.60 -32.89 -14.79
C THR A 188 4.32 -33.37 -14.14
N GLU A 189 4.00 -34.62 -14.42
CA GLU A 189 2.77 -35.24 -13.96
C GLU A 189 2.75 -35.44 -12.45
N GLU A 190 3.90 -35.77 -11.89
CA GLU A 190 4.04 -36.00 -10.46
C GLU A 190 3.63 -34.80 -9.61
N PHE A 191 4.13 -33.63 -9.98
CA PHE A 191 3.90 -32.40 -9.24
C PHE A 191 2.45 -31.95 -9.38
N MET A 192 1.86 -32.25 -10.53
CA MET A 192 0.48 -31.90 -10.80
C MET A 192 -0.47 -32.66 -9.87
N ALA A 193 -0.12 -33.91 -9.57
CA ALA A 193 -0.94 -34.74 -8.67
C ALA A 193 -0.94 -34.19 -7.25
N LYS A 194 0.19 -33.61 -6.83
CA LYS A 194 0.29 -33.03 -5.49
C LYS A 194 -0.62 -31.82 -5.33
N ALA A 195 -0.72 -31.02 -6.40
CA ALA A 195 -1.58 -29.84 -6.37
C ALA A 195 -3.02 -30.27 -6.13
N ILE A 196 -3.42 -31.36 -6.78
CA ILE A 196 -4.75 -31.92 -6.58
C ILE A 196 -4.93 -32.33 -5.13
N SER A 197 -3.91 -32.97 -4.56
CA SER A 197 -3.92 -33.39 -3.16
C SER A 197 -4.01 -32.17 -2.23
N ALA A 198 -3.19 -31.17 -2.52
CA ALA A 198 -3.17 -29.93 -1.73
C ALA A 198 -4.53 -29.22 -1.77
N ILE A 199 -5.10 -29.13 -2.96
CA ILE A 199 -6.41 -28.51 -3.13
C ILE A 199 -7.47 -29.27 -2.32
N ALA A 200 -7.43 -30.59 -2.40
CA ALA A 200 -8.41 -31.43 -1.72
C ALA A 200 -8.36 -31.18 -0.22
N GLU A 201 -7.16 -31.09 0.33
CA GLU A 201 -7.00 -30.86 1.76
C GLU A 201 -7.57 -29.50 2.14
N LEU A 202 -7.30 -28.48 1.32
CA LEU A 202 -7.82 -27.14 1.59
C LEU A 202 -9.34 -27.17 1.63
N ALA A 203 -9.94 -27.88 0.67
CA ALA A 203 -11.38 -27.99 0.60
C ALA A 203 -11.91 -28.64 1.88
N LYS A 204 -11.29 -29.75 2.27
CA LYS A 204 -11.69 -30.47 3.48
C LYS A 204 -11.59 -29.62 4.73
N LYS A 205 -10.51 -28.86 4.83
CA LYS A 205 -10.28 -28.02 6.01
C LYS A 205 -11.32 -26.92 6.13
N ALA A 206 -11.53 -26.19 5.04
CA ALA A 206 -12.47 -25.07 5.04
C ALA A 206 -13.88 -25.57 5.29
N ILE A 207 -14.25 -26.66 4.63
CA ILE A 207 -15.59 -27.23 4.79
C ILE A 207 -15.82 -27.68 6.23
N GLU A 208 -14.83 -28.36 6.82
CA GLU A 208 -14.97 -28.84 8.19
C GLU A 208 -15.08 -27.68 9.18
N ALA A 209 -14.23 -26.68 9.01
CA ALA A 209 -14.23 -25.52 9.90
C ALA A 209 -15.59 -24.84 9.85
N ILE A 210 -16.06 -24.52 8.65
CA ILE A 210 -17.33 -23.83 8.47
C ILE A 210 -18.47 -24.65 9.09
N TYR A 211 -18.42 -25.97 8.90
CA TYR A 211 -19.41 -26.85 9.51
C TYR A 211 -19.42 -26.69 11.02
N ARG A 212 -18.24 -26.73 11.62
CA ARG A 212 -18.10 -26.67 13.07
C ARG A 212 -18.55 -25.32 13.64
N LEU A 213 -18.29 -24.23 12.93
CA LEU A 213 -18.84 -22.93 13.33
C LEU A 213 -20.35 -22.91 13.12
N ALA A 214 -20.78 -23.45 11.98
CA ALA A 214 -22.18 -23.44 11.59
C ALA A 214 -23.04 -24.22 12.57
N ASP A 215 -22.48 -25.30 13.11
CA ASP A 215 -23.19 -26.15 14.05
C ASP A 215 -23.51 -25.39 15.33
N ASN A 216 -22.79 -24.29 15.55
CA ASN A 216 -22.97 -23.47 16.74
C ASN A 216 -23.89 -22.26 16.52
N HIS A 217 -24.54 -22.21 15.36
CA HIS A 217 -25.48 -21.14 15.07
C HIS A 217 -26.87 -21.50 15.56
N THR A 218 -27.62 -20.48 15.97
CA THR A 218 -28.97 -20.68 16.50
C THR A 218 -30.00 -20.19 15.49
N SER A 219 -29.56 -19.29 14.60
CA SER A 219 -30.48 -18.71 13.62
C SER A 219 -30.38 -19.44 12.28
N PRO A 220 -31.54 -19.80 11.70
CA PRO A 220 -31.56 -20.52 10.42
C PRO A 220 -30.91 -19.74 9.27
N THR A 221 -31.12 -18.43 9.23
CA THR A 221 -30.63 -17.62 8.11
C THR A 221 -29.12 -17.77 7.92
N TYR A 222 -28.38 -17.79 9.02
CA TYR A 222 -26.93 -17.87 8.97
C TYR A 222 -26.47 -19.28 8.61
N ILE A 223 -27.20 -20.30 9.09
CA ILE A 223 -26.84 -21.68 8.80
C ILE A 223 -26.99 -21.94 7.31
N GLU A 224 -28.02 -21.34 6.71
CA GLU A 224 -28.24 -21.44 5.28
C GLU A 224 -27.10 -20.79 4.51
N LYS A 225 -26.58 -19.69 5.04
CA LYS A 225 -25.43 -19.02 4.45
C LYS A 225 -24.19 -19.89 4.53
N ALA A 226 -24.04 -20.60 5.65
CA ALA A 226 -22.92 -21.51 5.83
C ALA A 226 -22.99 -22.66 4.84
N ILE A 227 -24.19 -23.21 4.66
CA ILE A 227 -24.42 -24.28 3.69
C ILE A 227 -24.09 -23.81 2.28
N GLU A 228 -24.58 -22.62 1.94
CA GLU A 228 -24.31 -22.03 0.63
C GLU A 228 -22.80 -21.92 0.41
N ALA A 229 -22.10 -21.42 1.42
CA ALA A 229 -20.66 -21.21 1.35
C ALA A 229 -19.89 -22.51 1.13
N ILE A 230 -20.25 -23.55 1.88
CA ILE A 230 -19.54 -24.83 1.84
C ILE A 230 -19.51 -25.48 0.46
N GLU A 231 -20.67 -25.62 -0.17
CA GLU A 231 -20.72 -26.32 -1.45
C GLU A 231 -19.98 -25.52 -2.52
N LYS A 232 -20.06 -24.20 -2.44
CA LYS A 232 -19.35 -23.33 -3.37
C LYS A 232 -17.86 -23.64 -3.32
N ILE A 233 -17.34 -23.90 -2.13
CA ILE A 233 -15.93 -24.27 -1.97
C ILE A 233 -15.68 -25.57 -2.72
N ALA A 234 -16.58 -26.53 -2.53
CA ALA A 234 -16.42 -27.84 -3.16
C ALA A 234 -16.45 -27.71 -4.67
N ARG A 235 -17.44 -26.99 -5.19
CA ARG A 235 -17.59 -26.81 -6.62
C ARG A 235 -16.37 -26.12 -7.22
N LYS A 236 -15.82 -25.14 -6.52
CA LYS A 236 -14.60 -24.47 -6.96
C LYS A 236 -13.45 -25.47 -7.04
N ALA A 237 -13.29 -26.26 -5.98
CA ALA A 237 -12.21 -27.23 -5.87
C ALA A 237 -12.29 -28.28 -6.99
N ILE A 238 -13.50 -28.74 -7.26
CA ILE A 238 -13.73 -29.75 -8.30
C ILE A 238 -13.28 -29.24 -9.66
N LYS A 239 -13.64 -28.00 -9.99
CA LYS A 239 -13.24 -27.41 -11.26
C LYS A 239 -11.72 -27.36 -11.38
N ALA A 240 -11.07 -26.96 -10.29
CA ALA A 240 -9.62 -26.87 -10.26
C ALA A 240 -8.96 -28.21 -10.53
N ILE A 241 -9.42 -29.24 -9.83
CA ILE A 241 -8.86 -30.58 -10.02
C ILE A 241 -9.16 -31.09 -11.43
N GLU A 242 -10.40 -30.88 -11.88
CA GLU A 242 -10.80 -31.30 -13.22
C GLU A 242 -9.98 -30.64 -14.32
N MET A 243 -9.90 -29.31 -14.30
CA MET A 243 -9.19 -28.58 -15.35
C MET A 243 -7.71 -28.96 -15.43
N LEU A 244 -7.11 -29.25 -14.29
CA LEU A 244 -5.73 -29.73 -14.29
C LEU A 244 -5.71 -31.14 -14.82
N ALA A 245 -6.74 -31.91 -14.47
CA ALA A 245 -6.89 -33.27 -14.95
C ALA A 245 -7.16 -33.28 -16.45
N LYS A 246 -7.80 -32.23 -16.95
CA LYS A 246 -8.11 -32.14 -18.37
C LYS A 246 -6.83 -32.15 -19.22
N ASN A 247 -5.74 -31.66 -18.65
CA ASN A 247 -4.48 -31.54 -19.38
C ASN A 247 -3.43 -32.60 -19.06
N ILE A 248 -3.77 -33.58 -18.21
CA ILE A 248 -2.86 -34.68 -17.89
C ILE A 248 -3.29 -35.95 -18.65
N THR A 249 -2.32 -36.73 -19.09
CA THR A 249 -2.61 -37.89 -19.94
C THR A 249 -2.64 -39.26 -19.23
N THR A 250 -1.91 -39.43 -18.13
CA THR A 250 -1.88 -40.74 -17.47
C THR A 250 -3.06 -40.85 -16.51
N GLU A 251 -3.85 -41.91 -16.70
CA GLU A 251 -5.06 -42.13 -15.92
C GLU A 251 -4.78 -42.53 -14.47
N GLU A 252 -3.62 -43.14 -14.25
CA GLU A 252 -3.26 -43.63 -12.92
C GLU A 252 -3.41 -42.51 -11.90
N TYR A 253 -2.84 -41.35 -12.20
CA TYR A 253 -2.93 -40.23 -11.29
C TYR A 253 -4.34 -39.63 -11.25
N LYS A 254 -5.03 -39.61 -12.39
CA LYS A 254 -6.37 -39.04 -12.43
C LYS A 254 -7.40 -39.86 -11.67
N GLU A 255 -7.23 -41.18 -11.62
CA GLU A 255 -8.15 -42.01 -10.85
C GLU A 255 -8.13 -41.56 -9.39
N LYS A 256 -6.96 -41.16 -8.92
CA LYS A 256 -6.83 -40.56 -7.60
C LYS A 256 -7.46 -39.18 -7.59
N ALA A 257 -7.34 -38.46 -8.71
CA ALA A 257 -7.97 -37.16 -8.85
C ALA A 257 -9.49 -37.31 -8.83
N LYS A 258 -9.99 -38.33 -9.51
CA LYS A 258 -11.41 -38.65 -9.47
C LYS A 258 -11.83 -39.01 -8.05
N SER A 259 -10.97 -39.74 -7.35
CA SER A 259 -11.19 -40.07 -5.96
C SER A 259 -11.25 -38.81 -5.11
N ALA A 260 -10.34 -37.87 -5.37
CA ALA A 260 -10.31 -36.60 -4.67
C ALA A 260 -11.63 -35.83 -4.83
N ILE A 261 -12.12 -35.77 -6.06
CA ILE A 261 -13.39 -35.11 -6.34
C ILE A 261 -14.51 -35.74 -5.54
N ASP A 262 -14.58 -37.06 -5.57
CA ASP A 262 -15.64 -37.80 -4.88
C ASP A 262 -15.60 -37.58 -3.38
N GLU A 263 -14.41 -37.60 -2.80
CA GLU A 263 -14.25 -37.39 -1.36
C GLU A 263 -14.71 -35.98 -0.97
N ILE A 264 -14.39 -35.00 -1.80
CA ILE A 264 -14.81 -33.62 -1.53
C ILE A 264 -16.32 -33.54 -1.56
N ARG A 265 -16.95 -34.17 -2.54
CA ARG A 265 -18.41 -34.17 -2.63
C ARG A 265 -19.02 -34.82 -1.40
N GLU A 266 -18.55 -36.03 -1.09
CA GLU A 266 -19.12 -36.82 0.00
C GLU A 266 -18.95 -36.11 1.34
N LYS A 267 -17.79 -35.48 1.53
CA LYS A 267 -17.57 -34.71 2.74
C LYS A 267 -18.50 -33.49 2.81
N ALA A 268 -18.62 -32.79 1.67
CA ALA A 268 -19.48 -31.62 1.60
C ALA A 268 -20.95 -31.97 1.77
N LYS A 269 -21.40 -33.01 1.06
CA LYS A 269 -22.78 -33.45 1.14
C LYS A 269 -23.14 -33.89 2.56
N GLU A 270 -22.24 -34.64 3.19
CA GLU A 270 -22.43 -35.09 4.56
C GLU A 270 -22.51 -33.92 5.53
N ALA A 271 -21.60 -32.96 5.37
CA ALA A 271 -21.56 -31.78 6.24
C ALA A 271 -22.86 -31.00 6.13
N ILE A 272 -23.30 -30.74 4.92
CA ILE A 272 -24.52 -29.97 4.68
C ILE A 272 -25.69 -30.75 5.26
N LYS A 273 -25.68 -32.05 5.03
CA LYS A 273 -26.75 -32.92 5.48
C LYS A 273 -26.89 -32.86 7.00
N ARG A 274 -25.76 -32.87 7.70
CA ARG A 274 -25.77 -32.74 9.15
C ARG A 274 -26.29 -31.38 9.62
N LEU A 275 -25.98 -30.33 8.86
CA LEU A 275 -26.45 -29.00 9.22
C LEU A 275 -27.95 -28.83 9.04
N GLU A 276 -28.49 -29.33 7.93
CA GLU A 276 -29.92 -29.26 7.68
C GLU A 276 -30.74 -30.08 8.68
N ASP A 277 -30.19 -31.21 9.09
CA ASP A 277 -30.87 -32.08 10.05
C ASP A 277 -30.96 -31.45 11.43
N ASN A 278 -30.08 -30.50 11.70
CA ASN A 278 -30.06 -29.82 13.00
C ASN A 278 -30.81 -28.48 12.96
N ARG A 279 -31.46 -28.21 11.82
CA ARG A 279 -32.26 -26.99 11.67
C ARG A 279 -33.71 -27.25 12.05
N THR A 280 -34.40 -26.20 12.50
CA THR A 280 -35.80 -26.29 12.84
C THR A 280 -36.65 -25.63 11.75
N ILE B 2 -5.34 -18.82 -17.54
CA ILE B 2 -6.72 -18.47 -17.96
C ILE B 2 -7.13 -17.14 -17.34
N GLU B 3 -7.40 -16.15 -18.19
CA GLU B 3 -7.76 -14.82 -17.72
C GLU B 3 -9.07 -14.86 -16.96
N GLU B 4 -9.95 -15.78 -17.34
CA GLU B 4 -11.22 -16.00 -16.67
C GLU B 4 -10.99 -16.25 -15.18
N VAL B 5 -9.97 -17.04 -14.87
CA VAL B 5 -9.65 -17.37 -13.49
C VAL B 5 -9.12 -16.14 -12.75
N VAL B 6 -8.34 -15.32 -13.43
CA VAL B 6 -7.83 -14.10 -12.81
C VAL B 6 -9.00 -13.14 -12.59
N ALA B 7 -9.89 -13.06 -13.56
CA ALA B 7 -11.10 -12.25 -13.44
C ALA B 7 -12.00 -12.82 -12.35
N GLU B 8 -11.98 -14.15 -12.23
CA GLU B 8 -12.75 -14.84 -11.20
C GLU B 8 -12.22 -14.49 -9.81
N MET B 9 -10.89 -14.39 -9.71
CA MET B 9 -10.25 -13.96 -8.47
C MET B 9 -10.61 -12.51 -8.17
N ILE B 10 -10.64 -11.70 -9.21
CA ILE B 10 -11.03 -10.29 -9.09
C ILE B 10 -12.46 -10.17 -8.58
N ASP B 11 -13.35 -11.01 -9.11
CA ASP B 11 -14.75 -11.00 -8.72
C ASP B 11 -14.92 -11.28 -7.23
N ILE B 12 -14.20 -12.28 -6.72
CA ILE B 12 -14.26 -12.62 -5.31
C ILE B 12 -13.87 -11.43 -4.42
N LEU B 13 -12.77 -10.77 -4.79
CA LEU B 13 -12.28 -9.62 -4.03
C LEU B 13 -13.27 -8.45 -4.04
N ALA B 14 -13.85 -8.17 -5.20
CA ALA B 14 -14.75 -7.03 -5.33
C ALA B 14 -16.00 -7.21 -4.46
N GLU B 15 -16.65 -8.36 -4.59
CA GLU B 15 -17.89 -8.62 -3.86
C GLU B 15 -17.64 -8.63 -2.36
N SER B 16 -16.53 -9.21 -1.94
CA SER B 16 -16.18 -9.27 -0.52
C SER B 16 -15.92 -7.91 0.09
N SER B 17 -15.14 -7.08 -0.61
CA SER B 17 -14.88 -5.72 -0.14
C SER B 17 -16.22 -5.03 0.01
N LYS B 18 -17.03 -5.15 -1.02
CA LYS B 18 -18.38 -4.58 -1.03
C LYS B 18 -19.21 -5.19 0.10
N LYS B 19 -19.03 -6.50 0.31
CA LYS B 19 -19.74 -7.20 1.38
C LYS B 19 -19.37 -6.59 2.73
N SER B 20 -18.08 -6.41 2.95
CA SER B 20 -17.59 -5.82 4.19
C SER B 20 -18.05 -4.37 4.35
N ILE B 21 -17.97 -3.61 3.25
CA ILE B 21 -18.31 -2.18 3.28
C ILE B 21 -19.74 -1.95 3.73
N GLU B 22 -20.67 -2.71 3.17
CA GLU B 22 -22.07 -2.52 3.52
C GLU B 22 -22.24 -2.84 5.00
N GLU B 23 -21.66 -3.96 5.42
CA GLU B 23 -21.77 -4.40 6.81
C GLU B 23 -21.22 -3.38 7.80
N LEU B 24 -20.05 -2.82 7.50
CA LEU B 24 -19.46 -1.81 8.35
C LEU B 24 -20.36 -0.58 8.43
N ALA B 25 -20.93 -0.19 7.30
CA ALA B 25 -21.89 0.91 7.26
C ALA B 25 -23.13 0.61 8.12
N ARG B 26 -23.64 -0.61 7.99
CA ARG B 26 -24.83 -1.04 8.73
C ARG B 26 -24.61 -1.03 10.24
N ALA B 27 -23.44 -1.48 10.67
CA ALA B 27 -23.10 -1.49 12.08
C ALA B 27 -22.94 -0.08 12.62
N ALA B 28 -22.31 0.78 11.84
CA ALA B 28 -21.98 2.13 12.26
C ALA B 28 -23.20 3.00 12.57
N ASP B 29 -24.29 2.79 11.86
CA ASP B 29 -25.47 3.62 11.99
C ASP B 29 -26.16 3.52 13.36
N ASN B 30 -25.92 2.42 14.07
CA ASN B 30 -26.57 2.18 15.36
C ASN B 30 -25.68 2.46 16.57
N LYS B 31 -24.46 2.92 16.33
CA LYS B 31 -23.52 3.19 17.41
C LYS B 31 -23.49 4.67 17.78
N THR B 32 -23.10 4.95 19.03
CA THR B 32 -23.24 6.29 19.60
C THR B 32 -21.99 7.16 19.59
N THR B 33 -20.81 6.57 19.78
CA THR B 33 -19.58 7.36 19.84
C THR B 33 -19.13 7.78 18.44
N GLU B 34 -19.02 9.09 18.23
CA GLU B 34 -18.70 9.65 16.92
C GLU B 34 -17.38 9.10 16.38
N LYS B 35 -16.44 8.82 17.27
CA LYS B 35 -15.16 8.23 16.88
C LYS B 35 -15.32 6.85 16.27
N ALA B 36 -16.26 6.07 16.79
CA ALA B 36 -16.46 4.71 16.30
C ALA B 36 -17.01 4.75 14.88
N VAL B 37 -17.80 5.77 14.57
CA VAL B 37 -18.29 5.95 13.21
C VAL B 37 -17.12 6.32 12.30
N ALA B 38 -16.24 7.18 12.81
CA ALA B 38 -15.04 7.57 12.09
C ALA B 38 -14.12 6.37 11.90
N GLU B 39 -14.05 5.53 12.93
CA GLU B 39 -13.24 4.33 12.88
C GLU B 39 -13.73 3.40 11.77
N ALA B 40 -15.06 3.29 11.66
CA ALA B 40 -15.67 2.49 10.60
C ALA B 40 -15.34 3.08 9.23
N ILE B 41 -15.38 4.41 9.14
CA ILE B 41 -15.04 5.11 7.90
C ILE B 41 -13.62 4.81 7.48
N GLU B 42 -12.69 4.84 8.43
CA GLU B 42 -11.30 4.51 8.17
C GLU B 42 -11.22 3.10 7.59
N GLU B 43 -11.95 2.18 8.21
CA GLU B 43 -12.02 0.80 7.74
C GLU B 43 -12.58 0.74 6.33
N ILE B 44 -13.64 1.50 6.07
CA ILE B 44 -14.23 1.56 4.74
C ILE B 44 -13.19 2.03 3.72
N ALA B 45 -12.45 3.07 4.09
CA ALA B 45 -11.43 3.63 3.20
C ALA B 45 -10.31 2.63 2.93
N ARG B 46 -9.84 1.95 3.97
CA ARG B 46 -8.73 1.01 3.82
C ARG B 46 -9.11 -0.22 3.01
N LEU B 47 -10.29 -0.78 3.30
CA LEU B 47 -10.79 -1.94 2.57
C LEU B 47 -10.99 -1.61 1.09
N ALA B 48 -11.62 -0.47 0.84
CA ALA B 48 -11.87 -0.03 -0.53
C ALA B 48 -10.53 0.17 -1.23
N THR B 49 -9.60 0.82 -0.53
CA THR B 49 -8.25 1.03 -1.04
C THR B 49 -7.55 -0.30 -1.25
N ALA B 50 -7.70 -1.20 -0.28
CA ALA B 50 -7.05 -2.52 -0.31
C ALA B 50 -7.46 -3.34 -1.53
N ALA B 51 -8.76 -3.42 -1.77
CA ALA B 51 -9.28 -4.21 -2.89
C ALA B 51 -8.73 -3.68 -4.21
N ILE B 52 -8.74 -2.37 -4.36
CA ILE B 52 -8.22 -1.72 -5.56
C ILE B 52 -6.73 -2.05 -5.73
N GLN B 53 -5.99 -2.02 -4.63
CA GLN B 53 -4.57 -2.32 -4.65
C GLN B 53 -4.34 -3.76 -5.13
N LEU B 54 -5.15 -4.68 -4.63
CA LEU B 54 -5.07 -6.08 -5.04
C LEU B 54 -5.49 -6.27 -6.49
N ILE B 55 -6.64 -5.71 -6.84
CA ILE B 55 -7.24 -5.90 -8.16
C ILE B 55 -6.37 -5.32 -9.28
N GLU B 56 -5.81 -4.13 -9.05
CA GLU B 56 -4.98 -3.49 -10.05
C GLU B 56 -3.81 -4.38 -10.48
N ALA B 57 -3.09 -4.90 -9.51
CA ALA B 57 -1.92 -5.74 -9.78
C ALA B 57 -2.32 -7.00 -10.55
N LEU B 58 -3.49 -7.53 -10.23
CA LEU B 58 -4.02 -8.70 -10.91
C LEU B 58 -4.49 -8.37 -12.32
N ALA B 59 -5.12 -7.21 -12.49
CA ALA B 59 -5.70 -6.81 -13.77
C ALA B 59 -4.63 -6.59 -14.82
N LYS B 60 -3.45 -6.18 -14.39
CA LYS B 60 -2.33 -5.93 -15.30
C LYS B 60 -1.87 -7.22 -16.00
N ASN B 61 -2.27 -8.36 -15.44
CA ASN B 61 -1.92 -9.66 -15.98
C ASN B 61 -2.95 -10.22 -16.95
N LEU B 62 -3.91 -9.38 -17.35
CA LEU B 62 -4.97 -9.77 -18.28
C LEU B 62 -4.64 -9.36 -19.72
N ALA B 63 -4.93 -10.24 -20.67
CA ALA B 63 -4.70 -9.94 -22.08
C ALA B 63 -5.98 -9.54 -22.81
N SER B 64 -7.12 -10.04 -22.32
CA SER B 64 -8.41 -9.71 -22.94
C SER B 64 -8.93 -8.39 -22.39
N GLU B 65 -9.23 -7.46 -23.30
CA GLU B 65 -9.64 -6.11 -22.92
C GLU B 65 -10.99 -6.05 -22.19
N GLU B 66 -11.92 -6.91 -22.57
CA GLU B 66 -13.24 -6.93 -21.92
C GLU B 66 -13.07 -7.23 -20.44
N PHE B 67 -12.16 -8.16 -20.13
CA PHE B 67 -11.88 -8.51 -18.74
C PHE B 67 -11.22 -7.33 -18.03
N MET B 68 -10.43 -6.58 -18.78
CA MET B 68 -9.81 -5.37 -18.22
C MET B 68 -10.92 -4.36 -17.93
N ALA B 69 -11.90 -4.30 -18.80
CA ALA B 69 -13.05 -3.42 -18.61
C ALA B 69 -13.87 -3.88 -17.40
N ARG B 70 -13.91 -5.20 -17.16
CA ARG B 70 -14.59 -5.71 -15.97
C ARG B 70 -13.90 -5.20 -14.72
N ALA B 71 -12.57 -5.22 -14.77
CA ALA B 71 -11.75 -4.77 -13.65
C ALA B 71 -11.95 -3.29 -13.42
N ILE B 72 -11.97 -2.53 -14.51
CA ILE B 72 -12.22 -1.08 -14.42
C ILE B 72 -13.60 -0.85 -13.82
N SER B 73 -14.58 -1.62 -14.28
CA SER B 73 -15.94 -1.54 -13.76
C SER B 73 -15.98 -1.90 -12.28
N ALA B 74 -15.30 -2.99 -11.93
CA ALA B 74 -15.25 -3.45 -10.55
C ALA B 74 -14.67 -2.38 -9.63
N ILE B 75 -13.54 -1.81 -10.04
CA ILE B 75 -12.90 -0.75 -9.26
C ILE B 75 -13.83 0.44 -9.11
N ALA B 76 -14.52 0.77 -10.19
CA ALA B 76 -15.43 1.91 -10.19
C ALA B 76 -16.57 1.68 -9.22
N GLU B 77 -17.13 0.47 -9.24
CA GLU B 77 -18.24 0.13 -8.37
C GLU B 77 -17.81 0.13 -6.90
N LEU B 78 -16.59 -0.33 -6.64
CA LEU B 78 -16.04 -0.33 -5.29
C LEU B 78 -15.98 1.07 -4.70
N ALA B 79 -15.45 2.01 -5.46
CA ALA B 79 -15.29 3.39 -5.00
C ALA B 79 -16.64 4.04 -4.68
N LYS B 80 -17.59 3.91 -5.61
CA LYS B 80 -18.90 4.52 -5.44
C LYS B 80 -19.61 3.99 -4.21
N LYS B 81 -19.52 2.68 -4.02
CA LYS B 81 -20.17 2.03 -2.88
C LYS B 81 -19.62 2.56 -1.56
N ALA B 82 -18.30 2.66 -1.48
CA ALA B 82 -17.66 3.19 -0.26
C ALA B 82 -18.05 4.64 -0.03
N ILE B 83 -17.99 5.44 -1.09
CA ILE B 83 -18.30 6.86 -1.00
C ILE B 83 -19.74 7.08 -0.53
N GLU B 84 -20.68 6.34 -1.11
CA GLU B 84 -22.08 6.44 -0.73
C GLU B 84 -22.24 6.05 0.73
N ALA B 85 -21.62 4.95 1.12
CA ALA B 85 -21.67 4.47 2.49
C ALA B 85 -21.11 5.52 3.45
N ILE B 86 -19.97 6.08 3.10
CA ILE B 86 -19.30 7.10 3.92
C ILE B 86 -20.18 8.35 4.10
N TYR B 87 -20.83 8.79 3.02
CA TYR B 87 -21.68 9.96 3.07
C TYR B 87 -22.77 9.79 4.12
N ARG B 88 -23.40 8.62 4.11
CA ARG B 88 -24.49 8.32 5.03
C ARG B 88 -24.01 8.41 6.47
N LEU B 89 -22.79 7.95 6.69
CA LEU B 89 -22.16 8.02 8.00
C LEU B 89 -21.79 9.45 8.38
N ALA B 90 -21.31 10.20 7.39
CA ALA B 90 -20.89 11.57 7.61
C ALA B 90 -22.03 12.49 8.04
N ASP B 91 -23.24 12.18 7.59
CA ASP B 91 -24.42 12.96 7.98
C ASP B 91 -24.70 12.84 9.47
N ASN B 92 -24.12 11.83 10.10
CA ASN B 92 -24.37 11.55 11.51
C ASN B 92 -23.32 12.19 12.41
N HIS B 93 -22.42 12.97 11.81
CA HIS B 93 -21.39 13.68 12.58
C HIS B 93 -21.89 15.06 12.96
N THR B 94 -21.52 15.50 14.17
CA THR B 94 -21.85 16.84 14.63
C THR B 94 -20.58 17.69 14.69
N THR B 95 -19.44 17.01 14.75
CA THR B 95 -18.14 17.66 14.83
C THR B 95 -17.48 17.77 13.46
N ASP B 96 -17.21 19.01 13.04
CA ASP B 96 -16.61 19.29 11.74
C ASP B 96 -15.24 18.63 11.57
N THR B 97 -14.50 18.50 12.67
CA THR B 97 -13.17 17.89 12.64
C THR B 97 -13.21 16.50 12.02
N PHE B 98 -14.21 15.72 12.42
CA PHE B 98 -14.37 14.37 11.92
C PHE B 98 -14.84 14.39 10.47
N MET B 99 -15.62 15.42 10.13
CA MET B 99 -16.12 15.60 8.77
C MET B 99 -14.99 15.94 7.80
N ALA B 100 -14.00 16.69 8.27
CA ALA B 100 -12.84 17.00 7.45
C ALA B 100 -12.08 15.72 7.11
N ARG B 101 -12.00 14.82 8.08
CA ARG B 101 -11.36 13.52 7.86
C ARG B 101 -12.19 12.69 6.88
N ALA B 102 -13.51 12.77 7.00
CA ALA B 102 -14.41 12.07 6.11
C ALA B 102 -14.24 12.56 4.68
N ILE B 103 -14.09 13.87 4.53
CA ILE B 103 -13.85 14.48 3.22
C ILE B 103 -12.56 13.95 2.63
N ALA B 104 -11.52 13.86 3.47
CA ALA B 104 -10.23 13.33 3.04
C ALA B 104 -10.36 11.91 2.52
N ALA B 105 -11.10 11.08 3.25
CA ALA B 105 -11.29 9.69 2.89
C ALA B 105 -12.00 9.55 1.54
N ILE B 106 -13.07 10.31 1.35
CA ILE B 106 -13.82 10.29 0.09
C ILE B 106 -12.90 10.69 -1.05
N ALA B 107 -12.14 11.76 -0.83
CA ALA B 107 -11.23 12.28 -1.84
C ALA B 107 -10.14 11.27 -2.19
N ASN B 108 -9.52 10.70 -1.14
CA ASN B 108 -8.41 9.77 -1.34
C ASN B 108 -8.84 8.49 -2.06
N LEU B 109 -10.04 8.01 -1.77
CA LEU B 109 -10.58 6.85 -2.47
C LEU B 109 -10.76 7.12 -3.95
N ALA B 110 -11.34 8.27 -4.26
CA ALA B 110 -11.60 8.65 -5.65
C ALA B 110 -10.30 8.76 -6.43
N VAL B 111 -9.29 9.38 -5.81
CA VAL B 111 -7.99 9.52 -6.45
C VAL B 111 -7.40 8.15 -6.72
N THR B 112 -7.48 7.26 -5.73
CA THR B 112 -6.93 5.92 -5.84
C THR B 112 -7.56 5.15 -7.01
N ALA B 113 -8.89 5.17 -7.08
CA ALA B 113 -9.62 4.45 -8.11
C ALA B 113 -9.32 5.00 -9.50
N ILE B 114 -9.32 6.32 -9.61
CA ILE B 114 -9.11 6.99 -10.89
C ILE B 114 -7.73 6.64 -11.45
N LEU B 115 -6.72 6.77 -10.61
CA LEU B 115 -5.34 6.49 -11.02
C LEU B 115 -5.18 5.01 -11.40
N ALA B 116 -5.84 4.14 -10.64
CA ALA B 116 -5.82 2.71 -10.93
C ALA B 116 -6.40 2.44 -12.32
N ILE B 117 -7.56 3.02 -12.57
CA ILE B 117 -8.23 2.86 -13.86
C ILE B 117 -7.38 3.46 -14.97
N ALA B 118 -6.77 4.61 -14.69
CA ALA B 118 -5.90 5.27 -15.65
C ALA B 118 -4.77 4.35 -16.07
N ALA B 119 -4.14 3.71 -15.08
CA ALA B 119 -3.03 2.80 -15.34
C ALA B 119 -3.51 1.58 -16.12
N LEU B 120 -4.71 1.12 -15.80
CA LEU B 120 -5.32 0.00 -16.50
C LEU B 120 -5.77 0.40 -17.91
N ALA B 121 -6.38 1.57 -18.01
CA ALA B 121 -6.94 2.05 -19.27
C ALA B 121 -5.88 2.27 -20.34
N SER B 122 -4.65 2.50 -19.90
CA SER B 122 -3.53 2.72 -20.82
C SER B 122 -3.27 1.50 -21.70
N ASN B 123 -3.77 0.34 -21.29
CA ASN B 123 -3.50 -0.92 -22.00
C ASN B 123 -4.61 -1.35 -22.98
N HIS B 124 -5.57 -0.47 -23.23
CA HIS B 124 -6.63 -0.77 -24.20
C HIS B 124 -6.26 -0.20 -25.56
N THR B 125 -6.46 -1.01 -26.60
CA THR B 125 -6.17 -0.59 -27.97
C THR B 125 -7.45 -0.16 -28.68
N THR B 126 -8.58 -0.72 -28.28
CA THR B 126 -9.86 -0.38 -28.87
C THR B 126 -10.39 0.87 -28.18
N GLU B 127 -10.79 1.85 -28.99
CA GLU B 127 -11.24 3.13 -28.49
C GLU B 127 -12.53 3.02 -27.68
N GLU B 128 -13.36 2.04 -28.03
CA GLU B 128 -14.64 1.84 -27.35
C GLU B 128 -14.48 1.64 -25.84
N PHE B 129 -13.61 0.72 -25.43
CA PHE B 129 -13.43 0.43 -24.01
C PHE B 129 -12.75 1.59 -23.29
N MET B 130 -11.87 2.30 -24.00
CA MET B 130 -11.22 3.47 -23.42
C MET B 130 -12.22 4.58 -23.17
N ALA B 131 -13.21 4.71 -24.05
CA ALA B 131 -14.27 5.70 -23.86
C ALA B 131 -15.06 5.35 -22.61
N ARG B 132 -15.26 4.06 -22.37
CA ARG B 132 -15.92 3.61 -21.16
C ARG B 132 -15.06 3.91 -19.94
N ALA B 133 -13.75 3.72 -20.11
CA ALA B 133 -12.79 3.98 -19.03
C ALA B 133 -12.78 5.46 -18.68
N ILE B 134 -12.80 6.31 -19.70
CA ILE B 134 -12.87 7.76 -19.49
C ILE B 134 -14.17 8.11 -18.77
N SER B 135 -15.27 7.52 -19.22
CA SER B 135 -16.58 7.76 -18.63
C SER B 135 -16.62 7.35 -17.16
N ALA B 136 -16.08 6.18 -16.86
CA ALA B 136 -16.07 5.66 -15.50
C ALA B 136 -15.35 6.63 -14.56
N ILE B 137 -14.18 7.08 -14.99
CA ILE B 137 -13.39 8.04 -14.22
C ILE B 137 -14.16 9.33 -13.98
N ALA B 138 -14.80 9.84 -15.03
CA ALA B 138 -15.55 11.08 -14.94
C ALA B 138 -16.71 10.96 -13.95
N GLU B 139 -17.45 9.86 -14.03
CA GLU B 139 -18.59 9.65 -13.15
C GLU B 139 -18.13 9.53 -11.70
N LEU B 140 -16.99 8.88 -11.48
CA LEU B 140 -16.43 8.76 -10.15
C LEU B 140 -16.12 10.14 -9.58
N ALA B 141 -15.49 10.97 -10.42
CA ALA B 141 -15.12 12.33 -10.02
C ALA B 141 -16.36 13.14 -9.66
N LYS B 142 -17.36 13.13 -10.55
CA LYS B 142 -18.58 13.89 -10.33
C LYS B 142 -19.31 13.43 -9.08
N LYS B 143 -19.35 12.12 -8.87
CA LYS B 143 -19.98 11.55 -7.68
C LYS B 143 -19.28 12.03 -6.41
N ALA B 144 -17.95 11.95 -6.41
CA ALA B 144 -17.16 12.35 -5.26
C ALA B 144 -17.35 13.83 -4.95
N ILE B 145 -17.40 14.65 -6.00
CA ILE B 145 -17.57 16.10 -5.83
C ILE B 145 -18.89 16.41 -5.12
N GLU B 146 -19.98 15.80 -5.58
CA GLU B 146 -21.29 15.99 -4.95
C GLU B 146 -21.33 15.54 -3.49
N ALA B 147 -20.77 14.37 -3.21
CA ALA B 147 -20.76 13.86 -1.85
C ALA B 147 -20.06 14.84 -0.92
N ILE B 148 -18.89 15.32 -1.34
CA ILE B 148 -18.15 16.29 -0.56
C ILE B 148 -18.92 17.60 -0.45
N TYR B 149 -19.51 18.03 -1.56
CA TYR B 149 -20.31 19.26 -1.60
C TYR B 149 -21.46 19.19 -0.59
N ARG B 150 -22.20 18.08 -0.59
CA ARG B 150 -23.33 17.93 0.33
C ARG B 150 -22.86 17.97 1.78
N LEU B 151 -21.71 17.35 2.04
CA LEU B 151 -21.15 17.33 3.39
C LEU B 151 -20.64 18.71 3.79
N ALA B 152 -20.08 19.42 2.83
CA ALA B 152 -19.51 20.74 3.07
C ALA B 152 -20.59 21.70 3.57
N ASP B 153 -21.82 21.47 3.11
CA ASP B 153 -22.95 22.33 3.47
C ASP B 153 -23.24 22.26 4.97
N ASN B 154 -22.71 21.24 5.63
CA ASN B 154 -22.98 20.97 7.03
C ASN B 154 -21.86 21.45 7.97
N HIS B 155 -20.87 22.15 7.42
CA HIS B 155 -19.76 22.66 8.24
C HIS B 155 -20.06 24.05 8.79
N THR B 156 -19.42 24.39 9.89
CA THR B 156 -19.58 25.69 10.54
C THR B 156 -18.32 26.53 10.41
N THR B 157 -17.18 25.86 10.24
CA THR B 157 -15.89 26.52 10.17
C THR B 157 -15.48 26.74 8.72
N ASP B 158 -15.23 28.01 8.38
CA ASP B 158 -14.85 28.37 7.01
C ASP B 158 -13.57 27.64 6.61
N LYS B 159 -12.66 27.48 7.57
CA LYS B 159 -11.40 26.80 7.33
C LYS B 159 -11.60 25.35 6.87
N PHE B 160 -12.57 24.67 7.46
CA PHE B 160 -12.86 23.29 7.09
C PHE B 160 -13.51 23.20 5.72
N MET B 161 -14.31 24.22 5.38
CA MET B 161 -14.90 24.31 4.05
C MET B 161 -13.82 24.60 3.02
N ALA B 162 -12.84 25.39 3.40
CA ALA B 162 -11.71 25.67 2.51
C ALA B 162 -10.97 24.38 2.20
N ALA B 163 -10.85 23.53 3.21
CA ALA B 163 -10.25 22.21 3.02
C ALA B 163 -11.11 21.37 2.07
N ALA B 164 -12.43 21.52 2.20
CA ALA B 164 -13.37 20.85 1.30
C ALA B 164 -13.20 21.38 -0.13
N ILE B 165 -13.04 22.70 -0.25
CA ILE B 165 -12.84 23.33 -1.55
C ILE B 165 -11.58 22.76 -2.19
N GLU B 166 -10.53 22.64 -1.39
CA GLU B 166 -9.27 22.04 -1.84
C GLU B 166 -9.49 20.62 -2.32
N ALA B 167 -10.21 19.83 -1.52
CA ALA B 167 -10.49 18.44 -1.85
C ALA B 167 -11.19 18.29 -3.20
N ILE B 168 -12.19 19.13 -3.44
CA ILE B 168 -12.90 19.12 -4.72
C ILE B 168 -11.94 19.43 -5.87
N ALA B 169 -11.10 20.43 -5.65
CA ALA B 169 -10.18 20.90 -6.68
C ALA B 169 -9.19 19.83 -7.14
N LEU B 170 -8.66 19.08 -6.17
CA LEU B 170 -7.67 18.06 -6.48
C LEU B 170 -8.26 16.94 -7.33
N LEU B 171 -9.47 16.52 -6.97
CA LEU B 171 -10.20 15.50 -7.72
C LEU B 171 -10.49 15.93 -9.14
N ALA B 172 -10.94 17.17 -9.30
CA ALA B 172 -11.26 17.71 -10.61
C ALA B 172 -10.01 17.75 -11.48
N THR B 173 -8.91 18.24 -10.92
CA THR B 173 -7.68 18.40 -11.66
C THR B 173 -7.16 17.04 -12.14
N LEU B 174 -7.02 16.10 -11.22
CA LEU B 174 -6.46 14.79 -11.54
C LEU B 174 -7.32 14.03 -12.54
N ALA B 175 -8.64 14.06 -12.36
CA ALA B 175 -9.55 13.39 -13.27
C ALA B 175 -9.42 13.96 -14.67
N ILE B 176 -9.34 15.28 -14.76
CA ILE B 176 -9.16 15.96 -16.04
C ILE B 176 -7.85 15.53 -16.69
N LEU B 177 -6.78 15.54 -15.89
CA LEU B 177 -5.46 15.15 -16.39
C LEU B 177 -5.44 13.67 -16.79
N ALA B 178 -6.05 12.83 -15.95
CA ALA B 178 -6.13 11.40 -16.23
C ALA B 178 -6.89 11.14 -17.54
N ILE B 179 -8.00 11.85 -17.71
CA ILE B 179 -8.80 11.73 -18.93
C ILE B 179 -8.00 12.18 -20.14
N ALA B 180 -7.23 13.26 -19.99
CA ALA B 180 -6.42 13.78 -21.06
C ALA B 180 -5.44 12.73 -21.55
N LEU B 181 -4.78 12.06 -20.61
CA LEU B 181 -3.81 11.02 -20.93
C LEU B 181 -4.48 9.87 -21.67
N LEU B 182 -5.68 9.52 -21.24
CA LEU B 182 -6.42 8.44 -21.85
C LEU B 182 -6.99 8.88 -23.20
N ALA B 183 -7.46 10.12 -23.25
CA ALA B 183 -8.03 10.68 -24.47
C ALA B 183 -6.97 10.81 -25.55
N SER B 184 -5.73 10.98 -25.13
CA SER B 184 -4.61 11.13 -26.06
C SER B 184 -4.42 9.88 -26.92
N ASN B 185 -4.98 8.76 -26.47
CA ASN B 185 -4.79 7.48 -27.14
C ASN B 185 -5.93 7.12 -28.10
N HIS B 186 -6.78 8.11 -28.40
CA HIS B 186 -7.89 7.91 -29.33
C HIS B 186 -7.50 8.37 -30.74
N THR B 187 -7.86 7.57 -31.74
CA THR B 187 -7.59 7.92 -33.13
C THR B 187 -8.84 8.48 -33.81
N THR B 188 -10.00 8.06 -33.32
CA THR B 188 -11.28 8.50 -33.87
C THR B 188 -11.68 9.84 -33.26
N GLU B 189 -12.00 10.80 -34.13
CA GLU B 189 -12.35 12.14 -33.70
C GLU B 189 -13.64 12.15 -32.90
N GLU B 190 -14.55 11.25 -33.27
CA GLU B 190 -15.81 11.11 -32.55
C GLU B 190 -15.52 10.83 -31.07
N PHE B 191 -14.61 9.89 -30.83
CA PHE B 191 -14.25 9.52 -29.47
C PHE B 191 -13.44 10.58 -28.73
N MET B 192 -12.58 11.29 -29.45
CA MET B 192 -11.78 12.35 -28.84
C MET B 192 -12.64 13.51 -28.37
N ALA B 193 -13.68 13.83 -29.13
CA ALA B 193 -14.60 14.90 -28.77
C ALA B 193 -15.37 14.58 -27.50
N LYS B 194 -15.67 13.29 -27.31
CA LYS B 194 -16.39 12.84 -26.12
C LYS B 194 -15.58 13.05 -24.86
N ALA B 195 -14.27 12.81 -24.95
CA ALA B 195 -13.37 13.04 -23.82
C ALA B 195 -13.36 14.50 -23.45
N ILE B 196 -13.37 15.36 -24.47
CA ILE B 196 -13.42 16.80 -24.29
C ILE B 196 -14.69 17.19 -23.55
N SER B 197 -15.80 16.58 -23.94
CA SER B 197 -17.09 16.82 -23.30
C SER B 197 -17.05 16.45 -21.82
N ALA B 198 -16.47 15.29 -21.52
CA ALA B 198 -16.34 14.82 -20.15
C ALA B 198 -15.55 15.83 -19.30
N ILE B 199 -14.46 16.33 -19.86
CA ILE B 199 -13.64 17.32 -19.18
C ILE B 199 -14.47 18.57 -18.89
N ALA B 200 -15.23 19.02 -19.88
CA ALA B 200 -16.03 20.23 -19.75
C ALA B 200 -17.07 20.08 -18.65
N GLU B 201 -17.73 18.93 -18.60
CA GLU B 201 -18.76 18.68 -17.59
C GLU B 201 -18.12 18.64 -16.21
N LEU B 202 -16.95 18.01 -16.11
CA LEU B 202 -16.21 17.96 -14.85
C LEU B 202 -15.84 19.36 -14.39
N ALA B 203 -15.36 20.17 -15.34
CA ALA B 203 -14.96 21.54 -15.04
C ALA B 203 -16.13 22.34 -14.51
N LYS B 204 -17.25 22.33 -15.23
CA LYS B 204 -18.43 23.07 -14.83
C LYS B 204 -18.94 22.60 -13.46
N LYS B 205 -18.90 21.29 -13.23
CA LYS B 205 -19.36 20.73 -11.97
C LYS B 205 -18.48 21.18 -10.81
N ALA B 206 -17.17 21.04 -10.96
CA ALA B 206 -16.23 21.39 -9.90
C ALA B 206 -16.33 22.88 -9.61
N ILE B 207 -16.39 23.67 -10.68
CA ILE B 207 -16.53 25.12 -10.55
C ILE B 207 -17.84 25.46 -9.83
N GLU B 208 -18.90 24.76 -10.21
CA GLU B 208 -20.21 24.98 -9.62
C GLU B 208 -20.23 24.68 -8.13
N ALA B 209 -19.65 23.55 -7.75
CA ALA B 209 -19.58 23.15 -6.35
C ALA B 209 -18.82 24.19 -5.53
N ILE B 210 -17.61 24.53 -5.99
CA ILE B 210 -16.75 25.48 -5.30
C ILE B 210 -17.41 26.85 -5.16
N TYR B 211 -18.06 27.31 -6.22
CA TYR B 211 -18.78 28.58 -6.19
C TYR B 211 -19.83 28.62 -5.08
N ARG B 212 -20.64 27.57 -5.04
CA ARG B 212 -21.74 27.49 -4.08
C ARG B 212 -21.22 27.39 -2.65
N LEU B 213 -20.09 26.71 -2.48
CA LEU B 213 -19.44 26.62 -1.19
C LEU B 213 -18.86 27.95 -0.75
N ALA B 214 -18.26 28.65 -1.71
CA ALA B 214 -17.59 29.93 -1.44
C ALA B 214 -18.59 30.99 -0.96
N ASP B 215 -19.81 30.93 -1.48
CA ASP B 215 -20.85 31.89 -1.11
C ASP B 215 -21.24 31.78 0.35
N ASN B 216 -20.89 30.67 0.98
CA ASN B 216 -21.23 30.43 2.38
C ASN B 216 -20.09 30.81 3.33
N HIS B 217 -19.05 31.42 2.77
CA HIS B 217 -17.93 31.90 3.58
C HIS B 217 -18.17 33.33 4.03
N THR B 218 -17.65 33.65 5.21
CA THR B 218 -17.80 34.98 5.80
C THR B 218 -16.46 35.71 5.74
N SER B 219 -15.38 34.94 5.62
CA SER B 219 -14.04 35.51 5.62
C SER B 219 -13.52 35.72 4.20
N PRO B 220 -12.99 36.92 3.91
CA PRO B 220 -12.43 37.21 2.58
C PRO B 220 -11.27 36.31 2.20
N THR B 221 -10.43 35.97 3.17
CA THR B 221 -9.21 35.21 2.91
C THR B 221 -9.51 33.89 2.21
N TYR B 222 -10.55 33.20 2.64
CA TYR B 222 -10.91 31.91 2.09
C TYR B 222 -11.58 32.05 0.72
N ILE B 223 -12.36 33.11 0.53
CA ILE B 223 -13.01 33.35 -0.75
C ILE B 223 -11.96 33.68 -1.81
N GLU B 224 -10.92 34.40 -1.41
CA GLU B 224 -9.82 34.69 -2.32
C GLU B 224 -9.13 33.41 -2.74
N LYS B 225 -9.03 32.46 -1.82
CA LYS B 225 -8.50 31.14 -2.12
C LYS B 225 -9.44 30.40 -3.08
N ALA B 226 -10.75 30.62 -2.90
CA ALA B 226 -11.75 30.00 -3.76
C ALA B 226 -11.66 30.49 -5.21
N ILE B 227 -11.47 31.80 -5.40
CA ILE B 227 -11.28 32.34 -6.74
C ILE B 227 -10.06 31.67 -7.36
N GLU B 228 -9.00 31.60 -6.58
CA GLU B 228 -7.78 30.93 -7.00
C GLU B 228 -8.07 29.48 -7.36
N ALA B 229 -8.84 28.79 -6.53
CA ALA B 229 -9.16 27.39 -6.75
C ALA B 229 -9.93 27.19 -8.06
N ILE B 230 -10.95 28.03 -8.27
CA ILE B 230 -11.78 27.94 -9.46
C ILE B 230 -10.93 28.15 -10.71
N GLU B 231 -10.14 29.22 -10.69
CA GLU B 231 -9.38 29.64 -11.85
C GLU B 231 -8.32 28.62 -12.28
N LYS B 232 -7.65 28.00 -11.32
CA LYS B 232 -6.65 26.97 -11.64
C LYS B 232 -7.27 25.80 -12.41
N ILE B 233 -8.46 25.40 -12.01
CA ILE B 233 -9.17 24.31 -12.66
C ILE B 233 -9.50 24.64 -14.11
N ALA B 234 -10.01 25.85 -14.33
CA ALA B 234 -10.41 26.27 -15.67
C ALA B 234 -9.21 26.26 -16.62
N ARG B 235 -8.11 26.83 -16.15
CA ARG B 235 -6.89 26.91 -16.95
C ARG B 235 -6.39 25.54 -17.37
N LYS B 236 -6.43 24.61 -16.42
CA LYS B 236 -6.00 23.24 -16.67
C LYS B 236 -6.87 22.57 -17.72
N ALA B 237 -8.18 22.67 -17.52
CA ALA B 237 -9.15 22.05 -18.41
C ALA B 237 -9.05 22.57 -19.85
N ILE B 238 -8.90 23.88 -19.99
CA ILE B 238 -8.81 24.51 -21.30
C ILE B 238 -7.59 24.00 -22.08
N LYS B 239 -6.44 24.01 -21.43
CA LYS B 239 -5.20 23.55 -22.05
C LYS B 239 -5.32 22.08 -22.42
N ALA B 240 -5.92 21.29 -21.53
CA ALA B 240 -6.12 19.87 -21.77
C ALA B 240 -6.94 19.64 -23.04
N ILE B 241 -8.04 20.38 -23.18
CA ILE B 241 -8.89 20.27 -24.35
C ILE B 241 -8.12 20.67 -25.61
N GLU B 242 -7.33 21.74 -25.51
CA GLU B 242 -6.52 22.21 -26.62
C GLU B 242 -5.54 21.12 -27.07
N MET B 243 -4.83 20.52 -26.12
CA MET B 243 -3.83 19.50 -26.44
C MET B 243 -4.48 18.35 -27.20
N LEU B 244 -5.73 18.05 -26.85
CA LEU B 244 -6.50 17.04 -27.53
C LEU B 244 -6.92 17.51 -28.93
N ALA B 245 -7.23 18.80 -29.03
CA ALA B 245 -7.66 19.38 -30.29
C ALA B 245 -6.57 19.41 -31.36
N LYS B 246 -5.31 19.54 -30.95
CA LYS B 246 -4.21 19.57 -31.91
C LYS B 246 -4.09 18.28 -32.72
N ASN B 247 -4.59 17.19 -32.16
CA ASN B 247 -4.47 15.88 -32.81
C ASN B 247 -5.73 15.51 -33.58
N ILE B 248 -6.64 16.48 -33.70
CA ILE B 248 -7.86 16.31 -34.48
C ILE B 248 -7.65 16.96 -35.84
N THR B 249 -8.16 16.34 -36.89
CA THR B 249 -7.99 16.83 -38.25
C THR B 249 -9.25 17.52 -38.77
N THR B 250 -10.42 17.11 -38.27
CA THR B 250 -11.68 17.67 -38.72
C THR B 250 -12.04 18.95 -37.96
N GLU B 251 -12.32 20.01 -38.69
CA GLU B 251 -12.60 21.32 -38.10
C GLU B 251 -13.95 21.36 -37.37
N GLU B 252 -14.88 20.53 -37.81
CA GLU B 252 -16.22 20.49 -37.21
C GLU B 252 -16.15 20.22 -35.71
N TYR B 253 -15.42 19.17 -35.33
CA TYR B 253 -15.35 18.76 -33.94
C TYR B 253 -14.59 19.80 -33.14
N LYS B 254 -13.65 20.47 -33.79
CA LYS B 254 -12.82 21.48 -33.14
C LYS B 254 -13.66 22.67 -32.69
N GLU B 255 -14.67 23.00 -33.49
CA GLU B 255 -15.58 24.08 -33.14
C GLU B 255 -16.35 23.76 -31.86
N LYS B 256 -16.63 22.47 -31.66
CA LYS B 256 -17.25 22.01 -30.43
C LYS B 256 -16.27 22.14 -29.28
N ALA B 257 -15.01 21.86 -29.57
CA ALA B 257 -13.93 22.02 -28.60
C ALA B 257 -13.74 23.50 -28.28
N LYS B 258 -13.79 24.33 -29.31
CA LYS B 258 -13.74 25.78 -29.13
C LYS B 258 -14.94 26.22 -28.30
N SER B 259 -16.10 25.64 -28.61
CA SER B 259 -17.31 25.89 -27.83
C SER B 259 -17.15 25.40 -26.40
N ALA B 260 -16.61 24.20 -26.26
CA ALA B 260 -16.40 23.60 -24.93
C ALA B 260 -15.49 24.48 -24.08
N ILE B 261 -14.39 24.93 -24.67
CA ILE B 261 -13.47 25.84 -23.99
C ILE B 261 -14.20 27.11 -23.58
N ASP B 262 -14.94 27.69 -24.53
CA ASP B 262 -15.67 28.94 -24.29
C ASP B 262 -16.67 28.77 -23.16
N GLU B 263 -17.37 27.63 -23.15
CA GLU B 263 -18.35 27.36 -22.11
C GLU B 263 -17.67 27.29 -20.73
N ILE B 264 -16.50 26.65 -20.69
CA ILE B 264 -15.73 26.55 -19.45
C ILE B 264 -15.26 27.92 -18.98
N ARG B 265 -14.75 28.73 -19.92
CA ARG B 265 -14.25 30.07 -19.61
C ARG B 265 -15.35 30.94 -19.04
N GLU B 266 -16.47 31.01 -19.76
CA GLU B 266 -17.58 31.87 -19.39
C GLU B 266 -18.16 31.46 -18.04
N LYS B 267 -18.19 30.15 -17.79
CA LYS B 267 -18.64 29.62 -16.51
C LYS B 267 -17.74 30.07 -15.38
N ALA B 268 -16.43 30.04 -15.60
CA ALA B 268 -15.47 30.43 -14.58
C ALA B 268 -15.52 31.91 -14.22
N LYS B 269 -15.54 32.78 -15.23
CA LYS B 269 -15.61 34.22 -14.98
C LYS B 269 -16.92 34.57 -14.27
N GLU B 270 -18.00 33.93 -14.69
CA GLU B 270 -19.30 34.14 -14.05
C GLU B 270 -19.21 33.75 -12.58
N ALA B 271 -18.60 32.60 -12.32
CA ALA B 271 -18.44 32.11 -10.95
C ALA B 271 -17.57 33.07 -10.14
N ILE B 272 -16.43 33.45 -10.71
CA ILE B 272 -15.47 34.31 -10.02
C ILE B 272 -16.06 35.68 -9.74
N LYS B 273 -16.73 36.26 -10.75
CA LYS B 273 -17.29 37.59 -10.64
C LYS B 273 -18.29 37.70 -9.49
N ARG B 274 -19.15 36.70 -9.39
CA ARG B 274 -20.16 36.65 -8.34
C ARG B 274 -19.51 36.57 -6.97
N LEU B 275 -18.38 35.87 -6.89
CA LEU B 275 -17.62 35.78 -5.64
C LEU B 275 -16.99 37.12 -5.28
N GLU B 276 -16.50 37.83 -6.29
CA GLU B 276 -15.92 39.15 -6.06
C GLU B 276 -16.99 40.12 -5.54
N ASP B 277 -18.21 39.93 -6.01
CA ASP B 277 -19.34 40.75 -5.56
C ASP B 277 -19.65 40.48 -4.09
N ASN B 278 -19.20 39.32 -3.59
CA ASN B 278 -19.45 38.91 -2.22
C ASN B 278 -18.31 39.22 -1.25
N ARG B 279 -17.27 39.90 -1.72
CA ARG B 279 -16.14 40.25 -0.85
C ARG B 279 -16.34 41.63 -0.24
N THR B 280 -15.75 41.83 0.94
CA THR B 280 -15.84 43.09 1.66
C THR B 280 -14.54 43.88 1.51
N ILE C 2 1.72 12.20 -22.88
CA ILE C 2 2.69 13.29 -22.55
C ILE C 2 3.12 13.24 -21.09
N GLU C 3 4.41 13.01 -20.89
CA GLU C 3 5.00 12.91 -19.57
C GLU C 3 4.90 14.23 -18.80
N GLU C 4 4.89 15.34 -19.52
CA GLU C 4 4.73 16.66 -18.91
C GLU C 4 3.51 16.67 -18.02
N VAL C 5 2.43 16.09 -18.51
CA VAL C 5 1.18 16.00 -17.78
C VAL C 5 1.31 15.01 -16.62
N VAL C 6 2.04 13.93 -16.82
CA VAL C 6 2.25 12.95 -15.76
C VAL C 6 3.09 13.57 -14.65
N ALA C 7 4.10 14.35 -15.04
CA ALA C 7 4.93 15.05 -14.09
C ALA C 7 4.10 16.09 -13.35
N GLU C 8 3.14 16.68 -14.06
CA GLU C 8 2.23 17.65 -13.45
C GLU C 8 1.34 16.98 -12.41
N MET C 9 0.88 15.76 -12.70
CA MET C 9 0.09 15.00 -11.74
C MET C 9 0.95 14.67 -10.51
N ILE C 10 2.19 14.29 -10.76
CA ILE C 10 3.13 13.99 -9.69
C ILE C 10 3.38 15.22 -8.83
N ASP C 11 3.59 16.36 -9.47
CA ASP C 11 3.83 17.61 -8.74
C ASP C 11 2.63 17.99 -7.88
N ILE C 12 1.44 17.88 -8.45
CA ILE C 12 0.20 18.18 -7.74
C ILE C 12 0.05 17.29 -6.51
N LEU C 13 0.34 16.00 -6.68
CA LEU C 13 0.27 15.05 -5.58
C LEU C 13 1.22 15.46 -4.47
N ALA C 14 2.42 15.89 -4.85
CA ALA C 14 3.45 16.28 -3.89
C ALA C 14 3.03 17.49 -3.07
N GLU C 15 2.59 18.55 -3.76
CA GLU C 15 2.22 19.78 -3.08
C GLU C 15 1.04 19.56 -2.14
N SER C 16 0.07 18.76 -2.57
CA SER C 16 -1.07 18.45 -1.74
C SER C 16 -0.61 17.71 -0.50
N SER C 17 0.28 16.75 -0.69
CA SER C 17 0.86 15.98 0.41
C SER C 17 1.58 16.89 1.40
N LYS C 18 2.41 17.80 0.88
CA LYS C 18 3.13 18.74 1.73
C LYS C 18 2.18 19.62 2.50
N LYS C 19 1.12 20.08 1.81
CA LYS C 19 0.12 20.95 2.41
C LYS C 19 -0.57 20.25 3.57
N SER C 20 -0.99 19.01 3.34
CA SER C 20 -1.69 18.24 4.37
C SER C 20 -0.80 17.93 5.58
N ILE C 21 0.44 17.53 5.33
CA ILE C 21 1.34 17.13 6.40
C ILE C 21 1.58 18.25 7.42
N GLU C 22 1.93 19.44 6.93
CA GLU C 22 2.21 20.55 7.82
C GLU C 22 0.96 20.95 8.60
N GLU C 23 -0.16 21.04 7.89
CA GLU C 23 -1.42 21.43 8.53
C GLU C 23 -1.77 20.49 9.66
N LEU C 24 -1.63 19.18 9.41
CA LEU C 24 -1.86 18.19 10.45
C LEU C 24 -0.87 18.40 11.58
N ALA C 25 0.39 18.66 11.22
CA ALA C 25 1.42 18.97 12.21
C ALA C 25 1.06 20.25 12.97
N ARG C 26 0.62 21.27 12.24
CA ARG C 26 0.27 22.54 12.85
C ARG C 26 -0.89 22.37 13.82
N ALA C 27 -1.83 21.50 13.45
CA ALA C 27 -2.97 21.20 14.31
C ALA C 27 -2.49 20.50 15.57
N ALA C 28 -1.55 19.57 15.39
CA ALA C 28 -1.05 18.75 16.49
C ALA C 28 -0.39 19.58 17.59
N ASP C 29 0.27 20.67 17.21
CA ASP C 29 1.01 21.48 18.16
C ASP C 29 0.11 22.18 19.18
N ASN C 30 -1.16 22.38 18.83
CA ASN C 30 -2.10 23.04 19.73
C ASN C 30 -3.00 22.04 20.45
N LYS C 31 -2.84 20.77 20.12
CA LYS C 31 -3.56 19.70 20.81
C LYS C 31 -2.58 19.05 21.77
N THR C 32 -3.10 18.57 22.90
CA THR C 32 -2.26 17.94 23.91
C THR C 32 -2.49 16.44 23.77
N THR C 33 -3.26 15.87 24.70
CA THR C 33 -3.58 14.44 24.68
C THR C 33 -2.34 13.55 24.57
N GLU C 34 -1.66 13.69 23.43
CA GLU C 34 -0.47 12.91 23.03
C GLU C 34 -0.90 11.77 22.13
N LYS C 35 -2.08 11.21 22.42
CA LYS C 35 -2.64 10.16 21.57
C LYS C 35 -2.94 10.73 20.18
N ALA C 36 -3.47 11.94 20.17
CA ALA C 36 -3.83 12.62 18.92
C ALA C 36 -2.60 13.09 18.17
N VAL C 37 -1.55 13.46 18.91
CA VAL C 37 -0.29 13.87 18.29
C VAL C 37 0.35 12.65 17.63
N ALA C 38 0.26 11.51 18.30
CA ALA C 38 0.74 10.26 17.72
C ALA C 38 -0.09 9.92 16.50
N GLU C 39 -1.39 10.17 16.60
CA GLU C 39 -2.30 9.93 15.48
C GLU C 39 -1.90 10.80 14.30
N ALA C 40 -1.55 12.05 14.61
CA ALA C 40 -1.11 12.99 13.58
C ALA C 40 0.17 12.50 12.90
N ILE C 41 1.10 11.98 13.69
CA ILE C 41 2.35 11.46 13.15
C ILE C 41 2.08 10.29 12.19
N GLU C 42 1.23 9.37 12.61
CA GLU C 42 0.84 8.25 11.76
C GLU C 42 0.17 8.73 10.48
N GLU C 43 -0.73 9.71 10.61
CA GLU C 43 -1.39 10.29 9.43
C GLU C 43 -0.35 10.87 8.48
N ILE C 44 0.62 11.58 9.04
CA ILE C 44 1.71 12.14 8.25
C ILE C 44 2.47 11.03 7.54
N ALA C 45 2.73 9.95 8.28
CA ALA C 45 3.46 8.81 7.72
C ALA C 45 2.68 8.21 6.56
N ARG C 46 1.37 8.09 6.74
CA ARG C 46 0.51 7.50 5.72
C ARG C 46 0.46 8.38 4.48
N LEU C 47 0.39 9.69 4.71
CA LEU C 47 0.34 10.65 3.60
C LEU C 47 1.58 10.55 2.73
N ALA C 48 2.75 10.57 3.38
CA ALA C 48 4.02 10.48 2.68
C ALA C 48 4.19 9.14 1.98
N THR C 49 3.92 8.05 2.69
CA THR C 49 4.06 6.71 2.11
C THR C 49 3.11 6.52 0.94
N ALA C 50 1.86 6.92 1.12
CA ALA C 50 0.85 6.77 0.08
C ALA C 50 1.26 7.57 -1.15
N ALA C 51 1.63 8.82 -0.94
CA ALA C 51 2.01 9.71 -2.03
C ALA C 51 3.23 9.19 -2.79
N ILE C 52 4.23 8.71 -2.05
CA ILE C 52 5.45 8.17 -2.65
C ILE C 52 5.11 6.97 -3.53
N GLN C 53 4.24 6.09 -3.03
CA GLN C 53 3.82 4.91 -3.78
C GLN C 53 3.08 5.31 -5.05
N LEU C 54 2.23 6.33 -4.95
CA LEU C 54 1.50 6.85 -6.10
C LEU C 54 2.47 7.44 -7.12
N ILE C 55 3.38 8.26 -6.63
CA ILE C 55 4.34 8.96 -7.49
C ILE C 55 5.24 7.98 -8.22
N GLU C 56 5.71 6.96 -7.53
CA GLU C 56 6.56 5.95 -8.15
C GLU C 56 5.82 5.30 -9.30
N ALA C 57 4.59 4.87 -9.03
CA ALA C 57 3.78 4.18 -10.03
C ALA C 57 3.53 5.07 -11.24
N LEU C 58 3.37 6.37 -11.00
CA LEU C 58 3.23 7.33 -12.09
C LEU C 58 4.55 7.51 -12.81
N ALA C 59 5.63 7.55 -12.03
CA ALA C 59 6.97 7.80 -12.55
C ALA C 59 7.49 6.65 -13.42
N LYS C 60 7.06 5.44 -13.14
CA LYS C 60 7.54 4.26 -13.88
C LYS C 60 7.14 4.28 -15.36
N ASN C 61 6.12 5.06 -15.71
CA ASN C 61 5.68 5.12 -17.11
C ASN C 61 6.37 6.25 -17.86
N LEU C 62 7.39 6.84 -17.26
CA LEU C 62 8.14 7.93 -17.88
C LEU C 62 9.38 7.42 -18.58
N ALA C 63 9.63 7.93 -19.79
CA ALA C 63 10.81 7.58 -20.55
C ALA C 63 11.86 8.69 -20.46
N SER C 64 11.41 9.91 -20.22
CA SER C 64 12.30 11.05 -20.14
C SER C 64 12.91 11.17 -18.75
N GLU C 65 14.24 11.17 -18.71
CA GLU C 65 14.97 11.20 -17.45
C GLU C 65 14.78 12.51 -16.68
N GLU C 66 14.61 13.61 -17.41
CA GLU C 66 14.44 14.93 -16.80
C GLU C 66 13.26 14.94 -15.85
N PHE C 67 12.15 14.36 -16.29
CA PHE C 67 10.95 14.30 -15.49
C PHE C 67 11.10 13.32 -14.33
N MET C 68 11.85 12.24 -14.56
CA MET C 68 12.11 11.25 -13.52
C MET C 68 12.95 11.81 -12.38
N ALA C 69 13.93 12.65 -12.70
CA ALA C 69 14.76 13.27 -11.68
C ALA C 69 13.91 14.17 -10.80
N ARG C 70 12.92 14.81 -11.40
CA ARG C 70 11.97 15.62 -10.66
C ARG C 70 11.15 14.74 -9.73
N ALA C 71 10.77 13.56 -10.23
CA ALA C 71 10.00 12.61 -9.45
C ALA C 71 10.83 12.11 -8.28
N ILE C 72 12.10 11.82 -8.54
CA ILE C 72 13.02 11.40 -7.49
C ILE C 72 13.17 12.52 -6.46
N SER C 73 13.31 13.74 -6.95
CA SER C 73 13.42 14.91 -6.09
C SER C 73 12.16 15.07 -5.24
N ALA C 74 11.00 14.91 -5.87
CA ALA C 74 9.73 15.03 -5.17
C ALA C 74 9.66 14.03 -4.01
N ILE C 75 10.05 12.80 -4.29
CA ILE C 75 10.06 11.75 -3.27
C ILE C 75 10.99 12.14 -2.14
N ALA C 76 12.15 12.70 -2.50
CA ALA C 76 13.13 13.13 -1.51
C ALA C 76 12.58 14.26 -0.64
N GLU C 77 11.92 15.22 -1.27
CA GLU C 77 11.36 16.37 -0.55
C GLU C 77 10.24 15.96 0.41
N LEU C 78 9.42 15.01 0.00
CA LEU C 78 8.33 14.51 0.84
C LEU C 78 8.86 13.93 2.14
N ALA C 79 9.88 13.10 2.01
CA ALA C 79 10.48 12.44 3.16
C ALA C 79 11.04 13.46 4.15
N LYS C 80 11.81 14.40 3.65
CA LYS C 80 12.44 15.40 4.50
C LYS C 80 11.41 16.21 5.27
N LYS C 81 10.36 16.65 4.58
CA LYS C 81 9.31 17.42 5.21
C LYS C 81 8.59 16.59 6.28
N ALA C 82 8.27 15.36 5.92
CA ALA C 82 7.58 14.45 6.84
C ALA C 82 8.48 14.13 8.04
N ILE C 83 9.74 13.81 7.75
CA ILE C 83 10.69 13.47 8.81
C ILE C 83 10.87 14.62 9.78
N GLU C 84 11.08 15.82 9.23
CA GLU C 84 11.32 17.01 10.03
C GLU C 84 10.10 17.25 10.92
N ALA C 85 8.92 17.16 10.32
CA ALA C 85 7.66 17.35 11.03
C ALA C 85 7.50 16.34 12.16
N ILE C 86 7.75 15.07 11.86
CA ILE C 86 7.63 14.02 12.86
C ILE C 86 8.60 14.25 14.01
N TYR C 87 9.82 14.64 13.67
CA TYR C 87 10.84 14.92 14.68
C TYR C 87 10.40 15.99 15.66
N ARG C 88 9.95 17.13 15.13
CA ARG C 88 9.53 18.24 15.98
C ARG C 88 8.33 17.86 16.84
N LEU C 89 7.43 17.07 16.27
CA LEU C 89 6.27 16.58 17.02
C LEU C 89 6.67 15.56 18.08
N ALA C 90 7.63 14.70 17.74
CA ALA C 90 8.08 13.68 18.67
C ALA C 90 8.68 14.32 19.93
N ASP C 91 9.27 15.50 19.76
CA ASP C 91 9.83 16.24 20.88
C ASP C 91 8.77 16.71 21.85
N ASN C 92 7.51 16.70 21.40
CA ASN C 92 6.40 17.20 22.22
C ASN C 92 5.69 16.10 23.02
N HIS C 93 6.20 14.88 22.94
CA HIS C 93 5.66 13.76 23.71
C HIS C 93 6.39 13.61 25.04
N THR C 94 5.67 13.16 26.05
CA THR C 94 6.24 12.92 27.37
C THR C 94 6.40 11.42 27.62
N THR C 95 5.65 10.60 26.89
CA THR C 95 5.77 9.16 27.04
C THR C 95 6.71 8.66 25.96
N ASP C 96 7.82 8.08 26.41
CA ASP C 96 8.89 7.62 25.54
C ASP C 96 8.46 6.56 24.53
N THR C 97 7.48 5.74 24.91
CA THR C 97 6.98 4.68 24.05
C THR C 97 6.49 5.26 22.72
N PHE C 98 5.79 6.38 22.79
CA PHE C 98 5.25 7.01 21.59
C PHE C 98 6.37 7.61 20.74
N MET C 99 7.44 8.05 21.38
CA MET C 99 8.61 8.55 20.66
C MET C 99 9.32 7.39 19.96
N ALA C 100 9.31 6.22 20.61
CA ALA C 100 9.86 5.02 20.01
C ALA C 100 9.04 4.63 18.78
N ARG C 101 7.72 4.80 18.89
CA ARG C 101 6.81 4.54 17.79
C ARG C 101 7.06 5.53 16.66
N ALA C 102 7.35 6.78 17.03
CA ALA C 102 7.67 7.82 16.06
C ALA C 102 8.94 7.45 15.28
N ILE C 103 9.93 6.92 15.99
CA ILE C 103 11.16 6.46 15.37
C ILE C 103 10.86 5.38 14.34
N ALA C 104 9.99 4.44 14.71
CA ALA C 104 9.59 3.37 13.81
C ALA C 104 9.00 3.93 12.52
N ALA C 105 8.12 4.93 12.65
CA ALA C 105 7.48 5.52 11.49
C ALA C 105 8.49 6.14 10.54
N ILE C 106 9.42 6.91 11.08
CA ILE C 106 10.47 7.56 10.27
C ILE C 106 11.32 6.53 9.54
N ALA C 107 11.75 5.49 10.25
CA ALA C 107 12.60 4.47 9.66
C ALA C 107 11.89 3.77 8.51
N ASN C 108 10.65 3.35 8.74
CA ASN C 108 9.87 2.68 7.71
C ASN C 108 9.57 3.64 6.57
N LEU C 109 9.35 4.90 6.92
CA LEU C 109 9.13 5.95 5.93
C LEU C 109 10.37 6.13 5.05
N ALA C 110 11.53 6.22 5.69
CA ALA C 110 12.78 6.43 4.99
C ALA C 110 13.07 5.29 4.01
N VAL C 111 12.83 4.05 4.47
CA VAL C 111 13.03 2.88 3.64
C VAL C 111 12.16 2.92 2.39
N THR C 112 10.88 3.27 2.57
CA THR C 112 9.95 3.32 1.46
C THR C 112 10.46 4.27 0.38
N ALA C 113 10.90 5.45 0.80
CA ALA C 113 11.41 6.46 -0.13
C ALA C 113 12.69 5.97 -0.83
N ILE C 114 13.60 5.39 -0.07
CA ILE C 114 14.89 4.96 -0.62
C ILE C 114 14.73 3.91 -1.72
N LEU C 115 13.96 2.86 -1.44
CA LEU C 115 13.75 1.81 -2.44
C LEU C 115 13.04 2.36 -3.68
N ALA C 116 12.12 3.29 -3.46
CA ALA C 116 11.40 3.94 -4.55
C ALA C 116 12.37 4.66 -5.47
N ILE C 117 13.26 5.45 -4.87
CA ILE C 117 14.26 6.18 -5.64
C ILE C 117 15.17 5.21 -6.37
N ALA C 118 15.58 4.15 -5.68
CA ALA C 118 16.43 3.13 -6.27
C ALA C 118 15.77 2.50 -7.49
N ALA C 119 14.49 2.16 -7.36
CA ALA C 119 13.75 1.53 -8.44
C ALA C 119 13.61 2.46 -9.64
N LEU C 120 13.42 3.75 -9.39
CA LEU C 120 13.35 4.74 -10.47
C LEU C 120 14.71 4.96 -11.08
N ALA C 121 15.72 5.10 -10.23
CA ALA C 121 17.08 5.40 -10.66
C ALA C 121 17.67 4.26 -11.49
N SER C 122 17.17 3.05 -11.26
CA SER C 122 17.64 1.88 -11.99
C SER C 122 17.36 2.01 -13.49
N ASN C 123 16.43 2.90 -13.84
CA ASN C 123 16.02 3.07 -15.23
C ASN C 123 16.74 4.23 -15.92
N HIS C 124 17.75 4.77 -15.24
CA HIS C 124 18.56 5.86 -15.80
C HIS C 124 19.82 5.34 -16.48
N THR C 125 20.11 5.88 -17.65
CA THR C 125 21.32 5.55 -18.38
C THR C 125 22.39 6.60 -18.14
N THR C 126 21.95 7.82 -17.83
CA THR C 126 22.85 8.93 -17.56
C THR C 126 23.32 8.91 -16.11
N GLU C 127 24.64 8.97 -15.93
CA GLU C 127 25.24 8.89 -14.60
C GLU C 127 24.92 10.10 -13.74
N GLU C 128 24.77 11.25 -14.38
CA GLU C 128 24.47 12.49 -13.67
C GLU C 128 23.21 12.39 -12.84
N PHE C 129 22.12 11.94 -13.46
CA PHE C 129 20.84 11.86 -12.77
C PHE C 129 20.87 10.77 -11.72
N MET C 130 21.62 9.70 -11.99
CA MET C 130 21.79 8.64 -11.02
C MET C 130 22.59 9.14 -9.83
N ALA C 131 23.56 10.01 -10.10
CA ALA C 131 24.37 10.63 -9.04
C ALA C 131 23.51 11.49 -8.13
N ARG C 132 22.51 12.15 -8.71
CA ARG C 132 21.59 12.96 -7.93
C ARG C 132 20.77 12.08 -6.99
N ALA C 133 20.39 10.91 -7.48
CA ALA C 133 19.65 9.94 -6.69
C ALA C 133 20.50 9.40 -5.55
N ILE C 134 21.78 9.15 -5.84
CA ILE C 134 22.71 8.67 -4.82
C ILE C 134 22.83 9.67 -3.68
N SER C 135 23.00 10.94 -4.04
CA SER C 135 23.08 12.01 -3.04
C SER C 135 21.78 12.07 -2.25
N ALA C 136 20.66 11.98 -2.97
CA ALA C 136 19.35 12.04 -2.37
C ALA C 136 19.15 10.92 -1.35
N ILE C 137 19.48 9.69 -1.74
CA ILE C 137 19.35 8.54 -0.85
C ILE C 137 20.21 8.75 0.39
N ALA C 138 21.44 9.19 0.18
CA ALA C 138 22.35 9.44 1.28
C ALA C 138 21.78 10.51 2.20
N GLU C 139 21.26 11.57 1.60
CA GLU C 139 20.70 12.69 2.36
C GLU C 139 19.49 12.24 3.17
N LEU C 140 18.66 11.39 2.58
CA LEU C 140 17.47 10.88 3.26
C LEU C 140 17.87 10.06 4.49
N ALA C 141 18.85 9.17 4.31
CA ALA C 141 19.33 8.33 5.39
C ALA C 141 19.93 9.18 6.52
N LYS C 142 20.82 10.09 6.15
CA LYS C 142 21.49 10.94 7.13
C LYS C 142 20.51 11.80 7.90
N LYS C 143 19.52 12.35 7.20
CA LYS C 143 18.50 13.17 7.85
C LYS C 143 17.73 12.34 8.87
N ALA C 144 17.29 11.15 8.43
CA ALA C 144 16.54 10.25 9.29
C ALA C 144 17.36 9.75 10.48
N ILE C 145 18.61 9.39 10.23
CA ILE C 145 19.48 8.85 11.27
C ILE C 145 19.67 9.85 12.41
N GLU C 146 20.02 11.08 12.06
CA GLU C 146 20.21 12.12 13.07
C GLU C 146 18.89 12.38 13.79
N ALA C 147 17.80 12.43 13.03
CA ALA C 147 16.48 12.66 13.62
C ALA C 147 16.19 11.61 14.68
N ILE C 148 16.47 10.34 14.35
CA ILE C 148 16.30 9.25 15.30
C ILE C 148 17.25 9.46 16.48
N TYR C 149 18.49 9.84 16.15
CA TYR C 149 19.51 10.13 17.16
C TYR C 149 19.07 11.21 18.13
N ARG C 150 18.55 12.31 17.59
CA ARG C 150 18.11 13.45 18.38
C ARG C 150 16.99 13.07 19.36
N LEU C 151 16.08 12.22 18.89
CA LEU C 151 14.95 11.78 19.71
C LEU C 151 15.35 10.86 20.85
N ALA C 152 16.33 10.00 20.61
CA ALA C 152 16.75 9.00 21.59
C ALA C 152 17.27 9.62 22.88
N ASP C 153 17.88 10.80 22.78
CA ASP C 153 18.51 11.45 23.92
C ASP C 153 17.56 11.91 25.04
N ASN C 154 16.28 12.08 24.73
CA ASN C 154 15.34 12.64 25.73
C ASN C 154 14.42 11.63 26.42
N HIS C 155 14.56 10.35 26.09
CA HIS C 155 13.75 9.28 26.69
C HIS C 155 14.49 8.64 27.87
N THR C 156 13.79 7.84 28.69
CA THR C 156 14.39 7.24 29.89
C THR C 156 14.72 5.74 29.79
N THR C 157 14.07 4.99 28.89
CA THR C 157 14.32 3.56 28.81
C THR C 157 15.36 3.25 27.73
N ASP C 158 16.47 2.64 28.15
CA ASP C 158 17.60 2.36 27.29
C ASP C 158 17.38 1.43 26.09
N LYS C 159 16.59 0.38 26.25
CA LYS C 159 16.40 -0.59 25.16
C LYS C 159 15.83 0.06 23.91
N PHE C 160 15.01 1.10 24.07
CA PHE C 160 14.47 1.78 22.89
C PHE C 160 15.61 2.46 22.13
N MET C 161 16.70 2.80 22.81
CA MET C 161 17.87 3.31 22.09
C MET C 161 18.40 2.17 21.22
N ALA C 162 18.38 0.96 21.77
CA ALA C 162 18.80 -0.22 21.02
C ALA C 162 17.85 -0.45 19.86
N ALA C 163 16.55 -0.23 20.10
CA ALA C 163 15.57 -0.33 19.03
C ALA C 163 15.84 0.76 17.99
N ALA C 164 16.19 1.94 18.48
CA ALA C 164 16.58 3.06 17.62
C ALA C 164 17.87 2.74 16.87
N ILE C 165 18.83 2.16 17.59
CA ILE C 165 20.11 1.78 17.00
C ILE C 165 19.92 0.80 15.84
N GLU C 166 19.08 -0.20 16.05
CA GLU C 166 18.77 -1.15 14.99
C GLU C 166 18.17 -0.41 13.79
N ALA C 167 17.17 0.43 14.05
CA ALA C 167 16.51 1.18 12.99
C ALA C 167 17.54 1.99 12.21
N ILE C 168 18.45 2.63 12.94
CA ILE C 168 19.54 3.37 12.34
C ILE C 168 20.39 2.44 11.47
N ALA C 169 20.65 1.24 11.98
CA ALA C 169 21.48 0.29 11.25
C ALA C 169 20.88 -0.07 9.90
N LEU C 170 19.57 -0.32 9.88
CA LEU C 170 18.90 -0.67 8.63
C LEU C 170 18.91 0.45 7.62
N LEU C 171 18.71 1.67 8.09
CA LEU C 171 18.75 2.84 7.21
C LEU C 171 20.12 2.91 6.58
N ALA C 172 21.15 2.74 7.41
CA ALA C 172 22.51 2.69 6.92
C ALA C 172 22.67 1.47 6.02
N THR C 173 22.14 0.34 6.48
CA THR C 173 22.28 -0.92 5.78
C THR C 173 21.64 -0.87 4.40
N LEU C 174 20.35 -0.52 4.36
CA LEU C 174 19.60 -0.49 3.12
C LEU C 174 20.11 0.57 2.15
N ALA C 175 20.46 1.75 2.69
CA ALA C 175 20.98 2.84 1.89
C ALA C 175 22.27 2.44 1.17
N ILE C 176 23.14 1.73 1.88
CA ILE C 176 24.40 1.27 1.28
C ILE C 176 24.14 0.36 0.09
N LEU C 177 23.26 -0.61 0.27
CA LEU C 177 22.95 -1.56 -0.79
C LEU C 177 22.27 -0.84 -1.96
N ALA C 178 21.33 0.04 -1.64
CA ALA C 178 20.64 0.81 -2.67
C ALA C 178 21.66 1.62 -3.46
N ILE C 179 22.60 2.23 -2.75
CA ILE C 179 23.69 2.98 -3.38
C ILE C 179 24.54 2.05 -4.23
N ALA C 180 24.82 0.85 -3.72
CA ALA C 180 25.62 -0.12 -4.44
C ALA C 180 25.01 -0.49 -5.79
N LEU C 181 23.71 -0.78 -5.80
CA LEU C 181 23.02 -1.15 -7.03
C LEU C 181 23.06 -0.05 -8.09
N LEU C 182 22.88 1.20 -7.64
CA LEU C 182 22.87 2.32 -8.56
C LEU C 182 24.28 2.64 -9.05
N ALA C 183 25.24 2.56 -8.16
CA ALA C 183 26.63 2.82 -8.50
C ALA C 183 27.17 1.75 -9.46
N SER C 184 26.62 0.54 -9.36
CA SER C 184 27.05 -0.57 -10.19
C SER C 184 26.81 -0.34 -11.69
N ASN C 185 25.90 0.57 -12.02
CA ASN C 185 25.51 0.79 -13.42
C ASN C 185 26.25 1.96 -14.06
N HIS C 186 27.29 2.44 -13.39
CA HIS C 186 28.11 3.54 -13.89
C HIS C 186 29.37 3.05 -14.58
N THR C 187 29.73 3.69 -15.70
CA THR C 187 30.93 3.35 -16.44
C THR C 187 32.09 4.31 -16.13
N THR C 188 31.77 5.53 -15.72
CA THR C 188 32.78 6.53 -15.42
C THR C 188 33.30 6.38 -13.99
N GLU C 189 34.63 6.33 -13.86
CA GLU C 189 35.28 6.09 -12.57
C GLU C 189 35.09 7.20 -11.53
N GLU C 190 35.07 8.45 -11.98
CA GLU C 190 34.93 9.59 -11.07
C GLU C 190 33.65 9.49 -10.24
N PHE C 191 32.55 9.13 -10.90
CA PHE C 191 31.25 9.06 -10.24
C PHE C 191 31.22 7.93 -9.23
N MET C 192 31.93 6.84 -9.52
CA MET C 192 31.99 5.73 -8.59
C MET C 192 32.71 6.16 -7.33
N ALA C 193 33.73 7.00 -7.48
CA ALA C 193 34.46 7.53 -6.34
C ALA C 193 33.54 8.42 -5.51
N LYS C 194 32.64 9.15 -6.19
CA LYS C 194 31.67 9.99 -5.50
C LYS C 194 30.71 9.13 -4.69
N ALA C 195 30.31 8.01 -5.28
CA ALA C 195 29.43 7.06 -4.61
C ALA C 195 30.09 6.45 -3.39
N ILE C 196 31.37 6.09 -3.53
CA ILE C 196 32.13 5.54 -2.42
C ILE C 196 32.23 6.54 -1.28
N SER C 197 32.45 7.81 -1.63
CA SER C 197 32.51 8.87 -0.64
C SER C 197 31.19 8.95 0.11
N ALA C 198 30.09 8.88 -0.64
CA ALA C 198 28.76 8.92 -0.04
C ALA C 198 28.58 7.75 0.93
N ILE C 199 29.03 6.56 0.52
CA ILE C 199 28.96 5.38 1.37
C ILE C 199 29.76 5.60 2.64
N ALA C 200 30.98 6.14 2.48
CA ALA C 200 31.87 6.37 3.61
C ALA C 200 31.25 7.33 4.60
N GLU C 201 30.62 8.39 4.09
CA GLU C 201 29.97 9.38 4.94
C GLU C 201 28.81 8.76 5.70
N LEU C 202 28.02 7.93 5.03
CA LEU C 202 26.91 7.25 5.68
C LEU C 202 27.39 6.34 6.81
N ALA C 203 28.42 5.55 6.53
CA ALA C 203 28.96 4.62 7.51
C ALA C 203 29.43 5.34 8.75
N LYS C 204 30.31 6.33 8.56
CA LYS C 204 30.84 7.10 9.68
C LYS C 204 29.70 7.80 10.42
N LYS C 205 28.73 8.29 9.66
CA LYS C 205 27.60 8.99 10.23
C LYS C 205 26.79 8.05 11.11
N ALA C 206 26.45 6.88 10.57
CA ALA C 206 25.68 5.89 11.31
C ALA C 206 26.45 5.32 12.49
N ILE C 207 27.71 4.98 12.28
CA ILE C 207 28.55 4.40 13.31
C ILE C 207 28.72 5.35 14.49
N GLU C 208 28.97 6.62 14.20
CA GLU C 208 29.17 7.61 15.25
C GLU C 208 27.91 7.75 16.09
N ALA C 209 26.77 7.78 15.43
CA ALA C 209 25.49 7.90 16.13
C ALA C 209 25.32 6.76 17.12
N ILE C 210 25.49 5.53 16.64
CA ILE C 210 25.31 4.36 17.48
C ILE C 210 26.24 4.42 18.68
N TYR C 211 27.48 4.85 18.42
CA TYR C 211 28.46 5.05 19.48
C TYR C 211 27.95 6.06 20.52
N ARG C 212 27.42 7.19 20.06
CA ARG C 212 26.95 8.25 20.96
C ARG C 212 25.79 7.78 21.83
N LEU C 213 24.94 6.92 21.28
CA LEU C 213 23.87 6.32 22.06
C LEU C 213 24.40 5.38 23.13
N ALA C 214 25.44 4.61 22.80
CA ALA C 214 25.96 3.59 23.69
C ALA C 214 26.51 4.15 25.01
N ASP C 215 27.13 5.32 24.98
CA ASP C 215 27.67 5.90 26.20
C ASP C 215 26.56 6.29 27.18
N ASN C 216 25.34 6.39 26.66
CA ASN C 216 24.18 6.74 27.48
C ASN C 216 23.41 5.51 27.94
N HIS C 217 23.97 4.33 27.67
CA HIS C 217 23.37 3.07 28.10
C HIS C 217 23.90 2.69 29.48
N THR C 218 23.10 1.96 30.26
CA THR C 218 23.47 1.65 31.63
C THR C 218 23.87 0.19 31.90
N SER C 219 23.30 -0.74 31.14
CA SER C 219 23.55 -2.18 31.33
C SER C 219 24.49 -2.77 30.27
N PRO C 220 25.38 -3.71 30.66
CA PRO C 220 26.44 -4.24 29.78
C PRO C 220 26.04 -4.88 28.42
N THR C 221 24.97 -5.67 28.35
CA THR C 221 24.66 -6.39 27.11
C THR C 221 24.41 -5.44 25.91
N TYR C 222 23.94 -4.23 26.18
CA TYR C 222 23.49 -3.34 25.11
C TYR C 222 24.62 -2.84 24.22
N ILE C 223 25.77 -2.57 24.81
CA ILE C 223 26.91 -2.06 24.07
C ILE C 223 27.42 -3.14 23.12
N GLU C 224 27.39 -4.40 23.56
CA GLU C 224 27.79 -5.50 22.71
C GLU C 224 26.89 -5.58 21.48
N LYS C 225 25.60 -5.32 21.68
CA LYS C 225 24.66 -5.27 20.56
C LYS C 225 24.95 -4.07 19.67
N ALA C 226 25.32 -2.95 20.29
CA ALA C 226 25.69 -1.75 19.55
C ALA C 226 26.95 -2.03 18.75
N ILE C 227 27.90 -2.71 19.40
CA ILE C 227 29.12 -3.15 18.75
C ILE C 227 28.78 -4.08 17.59
N GLU C 228 27.87 -5.01 17.85
CA GLU C 228 27.40 -5.93 16.83
C GLU C 228 26.81 -5.16 15.65
N ALA C 229 25.99 -4.16 15.96
CA ALA C 229 25.34 -3.34 14.93
C ALA C 229 26.36 -2.58 14.09
N ILE C 230 27.32 -1.95 14.76
CA ILE C 230 28.32 -1.13 14.09
C ILE C 230 29.15 -1.94 13.09
N GLU C 231 29.65 -3.08 13.54
CA GLU C 231 30.56 -3.87 12.73
C GLU C 231 29.91 -4.44 11.47
N LYS C 232 28.65 -4.87 11.59
CA LYS C 232 27.91 -5.41 10.46
C LYS C 232 27.81 -4.36 9.36
N ILE C 233 27.58 -3.12 9.77
CA ILE C 233 27.51 -2.00 8.85
C ILE C 233 28.86 -1.79 8.17
N ALA C 234 29.93 -1.81 8.96
CA ALA C 234 31.27 -1.54 8.47
C ALA C 234 31.74 -2.58 7.45
N ARG C 235 31.60 -3.85 7.78
CA ARG C 235 32.08 -4.92 6.90
C ARG C 235 31.40 -4.87 5.54
N LYS C 236 30.09 -4.67 5.54
CA LYS C 236 29.33 -4.58 4.30
C LYS C 236 29.71 -3.36 3.46
N ALA C 237 29.79 -2.19 4.10
CA ALA C 237 30.10 -0.95 3.39
C ALA C 237 31.46 -1.11 2.73
N ILE C 238 32.39 -1.70 3.47
CA ILE C 238 33.72 -1.98 2.95
C ILE C 238 33.59 -2.93 1.76
N LYS C 239 32.79 -3.98 1.94
CA LYS C 239 32.57 -4.97 0.90
C LYS C 239 31.95 -4.32 -0.33
N ALA C 240 30.97 -3.46 -0.11
CA ALA C 240 30.32 -2.73 -1.19
C ALA C 240 31.36 -1.88 -1.91
N ILE C 241 32.15 -1.14 -1.13
CA ILE C 241 33.20 -0.31 -1.69
C ILE C 241 34.23 -1.17 -2.39
N GLU C 242 34.56 -2.31 -1.79
CA GLU C 242 35.52 -3.23 -2.40
C GLU C 242 35.01 -3.66 -3.76
N MET C 243 33.79 -4.16 -3.80
CA MET C 243 33.20 -4.66 -5.05
C MET C 243 33.06 -3.55 -6.09
N LEU C 244 32.81 -2.33 -5.64
CA LEU C 244 32.75 -1.18 -6.56
C LEU C 244 34.16 -0.81 -7.03
N ALA C 245 35.13 -0.93 -6.15
CA ALA C 245 36.53 -0.64 -6.50
C ALA C 245 37.01 -1.63 -7.54
N LYS C 246 36.43 -2.83 -7.52
CA LYS C 246 36.77 -3.89 -8.47
C LYS C 246 36.48 -3.44 -9.90
N ASN C 247 35.61 -2.44 -10.04
CA ASN C 247 35.15 -1.99 -11.34
C ASN C 247 35.94 -0.79 -11.86
N ILE C 248 36.98 -0.41 -11.14
CA ILE C 248 37.85 0.69 -11.57
C ILE C 248 39.14 0.16 -12.19
N THR C 249 39.57 0.80 -13.28
CA THR C 249 40.78 0.38 -13.99
C THR C 249 41.96 1.33 -13.71
N THR C 250 41.63 2.57 -13.35
CA THR C 250 42.63 3.62 -13.11
C THR C 250 43.25 3.54 -11.72
N GLU C 251 44.57 3.63 -11.64
CA GLU C 251 45.31 3.48 -10.39
C GLU C 251 45.10 4.63 -9.38
N GLU C 252 44.82 5.84 -9.86
CA GLU C 252 44.62 7.00 -8.99
C GLU C 252 43.50 6.85 -7.94
N TYR C 253 42.31 6.49 -8.40
CA TYR C 253 41.11 6.44 -7.55
C TYR C 253 41.08 5.34 -6.48
N LYS C 254 41.74 4.23 -6.76
CA LYS C 254 41.68 3.06 -5.89
C LYS C 254 42.25 3.33 -4.51
N GLU C 255 43.30 4.16 -4.44
CA GLU C 255 43.90 4.49 -3.16
C GLU C 255 42.89 5.20 -2.25
N LYS C 256 42.02 6.00 -2.85
CA LYS C 256 40.93 6.62 -2.11
C LYS C 256 39.87 5.62 -1.69
N ALA C 257 39.61 4.61 -2.51
CA ALA C 257 38.66 3.57 -2.13
C ALA C 257 39.20 2.78 -0.94
N LYS C 258 40.46 2.40 -0.99
CA LYS C 258 41.11 1.79 0.17
C LYS C 258 41.21 2.80 1.32
N SER C 259 41.45 4.06 0.99
CA SER C 259 41.47 5.11 2.01
C SER C 259 40.13 5.15 2.71
N ALA C 260 39.05 5.08 1.92
CA ALA C 260 37.71 5.04 2.48
C ALA C 260 37.57 3.81 3.37
N ILE C 261 38.04 2.67 2.88
CA ILE C 261 38.01 1.43 3.65
C ILE C 261 38.80 1.59 4.94
N ASP C 262 40.01 2.10 4.83
CA ASP C 262 40.89 2.25 6.00
C ASP C 262 40.26 3.18 7.03
N GLU C 263 39.71 4.29 6.56
CA GLU C 263 39.06 5.24 7.46
C GLU C 263 37.83 4.62 8.13
N ILE C 264 37.04 3.90 7.35
CA ILE C 264 35.83 3.27 7.89
C ILE C 264 36.17 2.24 8.97
N ARG C 265 37.17 1.40 8.70
CA ARG C 265 37.55 0.36 9.65
C ARG C 265 38.06 0.90 10.98
N GLU C 266 39.09 1.73 10.92
CA GLU C 266 39.74 2.22 12.13
C GLU C 266 38.86 3.14 12.98
N LYS C 267 38.10 4.01 12.32
CA LYS C 267 37.17 4.89 13.02
C LYS C 267 36.09 4.05 13.70
N ALA C 268 35.64 3.01 13.02
CA ALA C 268 34.66 2.09 13.60
C ALA C 268 35.33 1.39 14.78
N LYS C 269 36.57 0.97 14.58
CA LYS C 269 37.38 0.36 15.62
C LYS C 269 37.56 1.34 16.77
N GLU C 270 37.79 2.59 16.41
CA GLU C 270 37.97 3.68 17.37
C GLU C 270 36.73 3.87 18.24
N ALA C 271 35.57 3.89 17.61
CA ALA C 271 34.32 4.08 18.32
C ALA C 271 34.05 2.95 19.30
N ILE C 272 34.17 1.72 18.81
CA ILE C 272 33.84 0.54 19.60
C ILE C 272 34.70 0.28 20.84
N LYS C 273 36.01 0.34 20.68
CA LYS C 273 36.91 0.02 21.79
C LYS C 273 36.77 0.97 22.98
N ARG C 274 36.57 2.27 22.72
CA ARG C 274 36.30 3.20 23.81
C ARG C 274 35.02 2.81 24.54
N LEU C 275 34.07 2.21 23.83
CA LEU C 275 32.86 1.74 24.48
C LEU C 275 33.26 0.62 25.44
N GLU C 276 34.25 -0.18 25.05
CA GLU C 276 34.77 -1.22 25.95
C GLU C 276 35.39 -0.54 27.17
N ASP C 277 35.99 0.64 26.95
CA ASP C 277 36.54 1.40 28.07
C ASP C 277 35.38 1.94 28.91
N ASN C 278 34.21 2.05 28.29
CA ASN C 278 32.99 2.49 28.98
C ASN C 278 32.14 1.27 29.34
N ARG C 279 32.70 0.10 29.06
CA ARG C 279 32.08 -1.19 29.33
C ARG C 279 32.54 -1.71 30.68
N THR C 280 31.71 -2.52 31.32
CA THR C 280 32.03 -3.09 32.62
C THR C 280 32.47 -4.55 32.48
#